data_9QZ0
#
_entry.id   9QZ0
#
_cell.length_a   52.833
_cell.length_b   120.410
_cell.length_c   75.939
_cell.angle_alpha   90.000
_cell.angle_beta   108.040
_cell.angle_gamma   90.000
#
_symmetry.space_group_name_H-M   'P 1 21 1'
#
loop_
_entity.id
_entity.type
_entity.pdbx_description
1 polymer 'multiple inositol polyphosphate histidine phosphatase 1'
2 non-polymer 'INOSITOL HEXAKISPHOSPHATE'
3 water water
#
_entity_poly.entity_id   1
_entity_poly.type   'polypeptide(L)'
_entity_poly.pdbx_seq_one_letter_code
;MGSSHHHHHHSSGLVPRGSHMQTKIQKYAGTAMPYPNRTDSSITFRDGMTPFYINHLGRHGARFPTSRKALDKVEKVLVS
AQQENGLTSEGMALLSMIRRLSRLFDGQWGKLSKLGETEQEGIAGRMIRNYPQLFSNSAKIEAIATYVPRSINSMDAFLS
CMIRHNPALQVQRSEGKQYNHILRFFDLNKSYVNYKEKGDWLPIYKAFVHKKISPVPIMKKFLLNPEQYLDKEAEEFVMA
LFSVAAILPDTSIPLNLEDLFTLDEWHRYWQTQNLRQYMSKSSAPVGKMLPVAIAWPLLSEFIRSAQEVISGKSDYQANF
RFAHANTVIPFVSLMGIEKTDVQVCRPDSVSVYWKDYEISPMAANVQWLFYRDRDQRIWVKILLNEEAAALPISTACFPY
YSWEKTRIFFNQRIEMAKKTLSVFNE
;
_entity_poly.pdbx_strand_id   AA,BA
#
# COMPACT_ATOMS: atom_id res chain seq x y z
N THR A 23 -14.21 -3.61 -7.51
CA THR A 23 -14.32 -2.60 -8.56
C THR A 23 -14.15 -1.19 -7.97
N LYS A 24 -13.68 -0.26 -8.81
CA LYS A 24 -13.49 1.11 -8.33
C LYS A 24 -14.80 1.70 -7.82
N ILE A 25 -15.91 1.40 -8.50
CA ILE A 25 -17.19 1.97 -8.09
C ILE A 25 -17.55 1.53 -6.67
N GLN A 26 -17.31 0.25 -6.33
CA GLN A 26 -17.63 -0.18 -4.96
C GLN A 26 -16.77 0.53 -3.93
N LYS A 27 -15.48 0.72 -4.22
CA LYS A 27 -14.61 1.44 -3.31
C LYS A 27 -15.09 2.86 -3.09
N TYR A 28 -15.68 3.48 -4.12
CA TYR A 28 -16.10 4.87 -4.01
C TYR A 28 -17.33 5.03 -3.14
N ALA A 29 -17.94 3.93 -2.69
CA ALA A 29 -18.94 4.02 -1.65
C ALA A 29 -18.32 4.31 -0.28
N GLY A 30 -16.98 4.24 -0.17
CA GLY A 30 -16.33 4.66 1.07
C GLY A 30 -16.74 3.80 2.27
N THR A 31 -17.18 4.46 3.37
CA THR A 31 -17.64 3.69 4.53
C THR A 31 -18.98 3.00 4.29
N ALA A 32 -19.63 3.27 3.16
CA ALA A 32 -20.82 2.53 2.77
C ALA A 32 -20.50 1.32 1.88
N MET A 33 -19.23 1.08 1.53
CA MET A 33 -18.87 -0.13 0.82
C MET A 33 -19.32 -1.38 1.59
N PRO A 34 -19.95 -2.35 0.94
CA PRO A 34 -20.17 -3.66 1.56
C PRO A 34 -18.84 -4.29 1.92
N TYR A 35 -18.84 -5.07 2.99
CA TYR A 35 -17.64 -5.80 3.39
C TYR A 35 -17.07 -6.55 2.19
N PRO A 36 -15.76 -6.47 1.93
CA PRO A 36 -15.21 -7.06 0.71
C PRO A 36 -15.20 -8.58 0.79
N ASN A 37 -15.03 -9.18 -0.39
CA ASN A 37 -14.93 -10.63 -0.51
C ASN A 37 -13.67 -11.11 0.22
N ARG A 38 -13.82 -12.14 1.06
CA ARG A 38 -12.71 -12.70 1.83
C ARG A 38 -12.63 -14.22 1.71
N THR A 39 -13.11 -14.78 0.61
CA THR A 39 -13.06 -16.22 0.40
C THR A 39 -11.76 -16.66 -0.29
N MET A 49 0.24 -22.55 15.07
CA MET A 49 -0.69 -22.43 13.96
C MET A 49 -2.06 -22.01 14.49
N THR A 50 -2.35 -22.36 15.75
CA THR A 50 -3.61 -22.03 16.38
C THR A 50 -3.43 -21.02 17.50
N PRO A 51 -4.13 -19.89 17.46
CA PRO A 51 -4.07 -18.94 18.56
C PRO A 51 -4.78 -19.48 19.80
N PHE A 52 -4.43 -18.90 20.94
CA PHE A 52 -5.11 -19.24 22.19
C PHE A 52 -6.12 -18.18 22.60
N TYR A 53 -6.18 -17.06 21.89
CA TYR A 53 -7.12 -16.01 22.24
C TYR A 53 -7.30 -15.12 21.04
N ILE A 54 -8.52 -14.61 20.87
CA ILE A 54 -8.81 -13.60 19.86
C ILE A 54 -9.52 -12.44 20.53
N ASN A 55 -9.01 -11.22 20.28
CA ASN A 55 -9.59 -9.97 20.76
C ASN A 55 -10.16 -9.21 19.56
N HIS A 56 -11.47 -8.90 19.58
CA HIS A 56 -12.16 -8.46 18.37
C HIS A 56 -12.92 -7.16 18.60
N LEU A 57 -12.98 -6.33 17.55
CA LEU A 57 -13.92 -5.22 17.46
C LEU A 57 -14.48 -5.25 16.04
N GLY A 58 -15.79 -5.21 15.91
CA GLY A 58 -16.43 -5.21 14.60
C GLY A 58 -17.51 -4.15 14.52
N ARG A 59 -17.53 -3.43 13.40
CA ARG A 59 -18.67 -2.61 13.09
C ARG A 59 -19.86 -3.52 12.75
N HIS A 60 -21.08 -3.02 12.98
CA HIS A 60 -22.27 -3.72 12.48
C HIS A 60 -22.15 -3.99 10.98
N GLY A 61 -22.86 -4.99 10.47
CA GLY A 61 -22.88 -5.25 9.04
C GLY A 61 -23.66 -4.20 8.27
N ALA A 62 -23.75 -4.42 6.96
CA ALA A 62 -24.45 -3.53 6.05
C ALA A 62 -25.85 -3.23 6.57
N ARG A 63 -26.24 -1.96 6.50
CA ARG A 63 -27.46 -1.46 7.11
C ARG A 63 -28.23 -0.58 6.15
N PHE A 64 -29.50 -0.37 6.48
CA PHE A 64 -30.32 0.63 5.81
C PHE A 64 -29.82 2.03 6.15
N PRO A 65 -30.17 3.02 5.32
CA PRO A 65 -29.85 4.42 5.67
C PRO A 65 -30.41 4.76 7.04
N THR A 66 -29.66 5.57 7.79
CA THR A 66 -30.10 5.97 9.12
C THR A 66 -31.12 7.10 9.09
N SER A 67 -31.14 7.90 8.02
CA SER A 67 -31.87 9.15 7.98
C SER A 67 -32.55 9.28 6.63
N ARG A 68 -33.80 9.72 6.65
CA ARG A 68 -34.53 10.02 5.42
C ARG A 68 -34.18 11.39 4.84
N LYS A 69 -33.28 12.14 5.48
CA LYS A 69 -33.00 13.51 5.07
C LYS A 69 -32.62 13.60 3.59
N ALA A 70 -31.69 12.76 3.12
CA ALA A 70 -31.24 12.85 1.74
C ALA A 70 -32.34 12.42 0.76
N LEU A 71 -33.04 11.33 1.08
CA LEU A 71 -34.16 10.90 0.24
C LEU A 71 -35.21 11.99 0.12
N ASP A 72 -35.61 12.59 1.24
CA ASP A 72 -36.62 13.65 1.21
C ASP A 72 -36.17 14.84 0.37
N LYS A 73 -34.88 15.20 0.44
CA LYS A 73 -34.39 16.34 -0.34
C LYS A 73 -34.46 16.05 -1.84
N VAL A 74 -33.98 14.87 -2.26
CA VAL A 74 -34.07 14.48 -3.66
C VAL A 74 -35.52 14.52 -4.11
N GLU A 75 -36.40 13.88 -3.33
CA GLU A 75 -37.81 13.83 -3.72
C GLU A 75 -38.41 15.22 -3.82
N LYS A 76 -38.13 16.08 -2.84
CA LYS A 76 -38.69 17.44 -2.85
C LYS A 76 -38.28 18.20 -4.12
N VAL A 77 -37.02 18.07 -4.53
CA VAL A 77 -36.56 18.77 -5.72
C VAL A 77 -37.27 18.25 -6.97
N LEU A 78 -37.35 16.93 -7.12
CA LEU A 78 -37.98 16.37 -8.32
C LEU A 78 -39.48 16.64 -8.36
N VAL A 79 -40.15 16.65 -7.21
CA VAL A 79 -41.58 16.94 -7.20
C VAL A 79 -41.84 18.37 -7.64
N SER A 80 -41.07 19.32 -7.11
CA SER A 80 -41.20 20.72 -7.51
C SER A 80 -40.97 20.88 -9.00
N ALA A 81 -40.02 20.12 -9.55
CA ALA A 81 -39.76 20.20 -10.97
C ALA A 81 -40.92 19.62 -11.78
N GLN A 82 -41.50 18.52 -11.30
CA GLN A 82 -42.67 17.95 -11.96
C GLN A 82 -43.85 18.91 -11.96
N GLN A 83 -44.06 19.63 -10.85
CA GLN A 83 -45.14 20.61 -10.80
C GLN A 83 -44.97 21.71 -11.81
N GLU A 84 -43.73 22.09 -12.11
CA GLU A 84 -43.45 23.17 -13.05
C GLU A 84 -42.94 22.66 -14.40
N ASN A 85 -43.26 21.41 -14.74
CA ASN A 85 -42.88 20.80 -16.01
C ASN A 85 -41.38 20.95 -16.26
N GLY A 86 -40.58 20.49 -15.29
CA GLY A 86 -39.15 20.71 -15.35
C GLY A 86 -38.29 19.47 -15.37
N LEU A 87 -38.89 18.29 -15.52
CA LEU A 87 -38.14 17.05 -15.47
C LEU A 87 -37.88 16.52 -16.88
N THR A 88 -36.76 15.86 -17.04
CA THR A 88 -36.51 15.10 -18.25
C THR A 88 -37.21 13.75 -18.14
N SER A 89 -37.15 12.99 -19.24
CA SER A 89 -37.60 11.60 -19.22
C SER A 89 -36.95 10.84 -18.07
N GLU A 90 -35.63 10.97 -17.93
CA GLU A 90 -34.95 10.21 -16.90
C GLU A 90 -35.24 10.77 -15.51
N GLY A 91 -35.46 12.08 -15.39
CA GLY A 91 -35.86 12.64 -14.11
C GLY A 91 -37.23 12.14 -13.67
N MET A 92 -38.13 11.92 -14.63
CA MET A 92 -39.42 11.33 -14.30
C MET A 92 -39.24 9.90 -13.81
N ALA A 93 -38.33 9.15 -14.44
CA ALA A 93 -38.05 7.79 -13.99
C ALA A 93 -37.35 7.81 -12.63
N LEU A 94 -36.46 8.77 -12.41
CA LEU A 94 -35.80 8.84 -11.10
C LEU A 94 -36.81 9.14 -10.01
N LEU A 95 -37.76 10.05 -10.27
CA LEU A 95 -38.77 10.38 -9.29
C LEU A 95 -39.60 9.14 -8.94
N SER A 96 -40.00 8.38 -9.96
CA SER A 96 -40.77 7.16 -9.69
C SER A 96 -39.96 6.20 -8.83
N MET A 97 -38.65 6.14 -9.07
CA MET A 97 -37.79 5.22 -8.32
C MET A 97 -37.58 5.71 -6.89
N ILE A 98 -37.43 7.03 -6.71
CA ILE A 98 -37.29 7.63 -5.39
C ILE A 98 -38.56 7.38 -4.56
N ARG A 99 -39.73 7.53 -5.18
CA ARG A 99 -40.99 7.22 -4.50
C ARG A 99 -41.03 5.76 -4.05
N ARG A 100 -40.54 4.84 -4.89
CA ARG A 100 -40.51 3.43 -4.53
C ARG A 100 -39.57 3.16 -3.36
N LEU A 101 -38.40 3.80 -3.35
CA LEU A 101 -37.47 3.60 -2.26
C LEU A 101 -38.02 4.17 -0.96
N SER A 102 -38.72 5.30 -1.05
CA SER A 102 -39.37 5.86 0.13
C SER A 102 -40.29 4.84 0.78
N ARG A 103 -41.10 4.14 -0.02
CA ARG A 103 -41.97 3.11 0.53
C ARG A 103 -41.17 1.93 1.07
N LEU A 104 -40.12 1.53 0.37
CA LEU A 104 -39.37 0.36 0.83
C LEU A 104 -38.50 0.66 2.05
N PHE A 105 -38.02 1.90 2.20
CA PHE A 105 -37.22 2.26 3.37
C PHE A 105 -38.08 2.48 4.63
N ASP A 106 -39.37 2.75 4.45
CA ASP A 106 -40.24 3.14 5.55
C ASP A 106 -40.27 2.09 6.66
N GLY A 107 -40.05 2.54 7.89
CA GLY A 107 -40.00 1.65 9.03
C GLY A 107 -38.75 0.80 9.13
N GLN A 108 -37.78 1.00 8.23
CA GLN A 108 -36.57 0.17 8.21
C GLN A 108 -35.31 0.97 8.50
N TRP A 109 -35.43 2.27 8.75
CA TRP A 109 -34.25 3.12 8.90
C TRP A 109 -33.26 2.56 9.92
N GLY A 110 -31.99 2.55 9.53
CA GLY A 110 -30.91 2.12 10.39
C GLY A 110 -30.86 0.63 10.69
N LYS A 111 -31.77 -0.18 10.14
CA LYS A 111 -31.77 -1.60 10.48
C LYS A 111 -30.66 -2.35 9.75
N LEU A 112 -30.13 -3.38 10.42
CA LEU A 112 -29.26 -4.34 9.75
C LEU A 112 -30.02 -5.02 8.63
N SER A 113 -29.40 -5.11 7.45
CA SER A 113 -30.03 -5.79 6.33
C SER A 113 -29.68 -7.29 6.32
N LYS A 114 -30.32 -8.03 5.41
CA LYS A 114 -29.93 -9.43 5.19
C LYS A 114 -28.46 -9.54 4.81
N LEU A 115 -27.99 -8.64 3.95
CA LEU A 115 -26.56 -8.64 3.61
C LEU A 115 -25.71 -8.47 4.86
N GLY A 116 -26.12 -7.58 5.77
CA GLY A 116 -25.35 -7.37 6.99
C GLY A 116 -25.28 -8.61 7.86
N GLU A 117 -26.39 -9.33 7.97
CA GLU A 117 -26.38 -10.59 8.69
CA GLU A 117 -26.40 -10.60 8.68
C GLU A 117 -25.44 -11.58 8.02
N THR A 118 -25.52 -11.69 6.70
CA THR A 118 -24.64 -12.59 5.94
C THR A 118 -23.18 -12.22 6.10
N GLU A 119 -22.88 -10.92 6.18
CA GLU A 119 -21.50 -10.51 6.38
C GLU A 119 -20.95 -11.00 7.70
N GLN A 120 -21.73 -10.87 8.77
CA GLN A 120 -21.26 -11.36 10.07
C GLN A 120 -21.11 -12.86 10.06
N GLU A 121 -22.03 -13.58 9.42
CA GLU A 121 -21.91 -15.04 9.35
C GLU A 121 -20.64 -15.45 8.64
N GLY A 122 -20.25 -14.69 7.61
CA GLY A 122 -19.01 -15.00 6.91
C GLY A 122 -17.78 -14.75 7.79
N ILE A 123 -17.77 -13.62 8.51
CA ILE A 123 -16.62 -13.32 9.37
C ILE A 123 -16.50 -14.39 10.45
N ALA A 124 -17.63 -14.72 11.10
CA ALA A 124 -17.62 -15.76 12.12
C ALA A 124 -17.25 -17.12 11.53
N GLY A 125 -17.84 -17.44 10.38
CA GLY A 125 -17.59 -18.73 9.75
C GLY A 125 -16.14 -18.93 9.36
N ARG A 126 -15.51 -17.91 8.79
CA ARG A 126 -14.09 -18.03 8.46
C ARG A 126 -13.24 -18.17 9.72
N MET A 127 -13.59 -17.43 10.77
CA MET A 127 -12.82 -17.52 12.02
C MET A 127 -12.87 -18.96 12.58
N ILE A 128 -14.07 -19.57 12.58
CA ILE A 128 -14.23 -20.94 13.07
C ILE A 128 -13.48 -21.92 12.18
N ARG A 129 -13.64 -21.74 10.86
CA ARG A 129 -12.95 -22.59 9.90
C ARG A 129 -11.44 -22.46 10.02
N ASN A 130 -10.96 -21.26 10.28
CA ASN A 130 -9.51 -21.05 10.34
C ASN A 130 -8.91 -21.56 11.65
N TYR A 131 -9.64 -21.46 12.77
CA TYR A 131 -9.13 -21.83 14.09
C TYR A 131 -10.10 -22.70 14.87
N PRO A 132 -10.42 -23.90 14.35
CA PRO A 132 -11.41 -24.74 15.04
C PRO A 132 -10.99 -25.15 16.44
N GLN A 133 -9.69 -25.39 16.67
CA GLN A 133 -9.22 -25.79 18.00
C GLN A 133 -9.57 -24.74 19.04
N LEU A 134 -9.49 -23.45 18.67
CA LEU A 134 -9.73 -22.40 19.64
C LEU A 134 -11.16 -22.42 20.16
N PHE A 135 -12.11 -22.74 19.28
CA PHE A 135 -13.52 -22.75 19.64
C PHE A 135 -14.07 -24.16 19.90
N SER A 136 -13.24 -25.08 20.37
CA SER A 136 -13.65 -26.45 20.63
C SER A 136 -13.86 -26.67 22.14
N ASN A 137 -14.50 -27.78 22.47
CA ASN A 137 -14.42 -28.38 23.82
C ASN A 137 -14.80 -27.40 24.94
N SER A 138 -16.01 -26.86 24.82
CA SER A 138 -16.58 -25.96 25.84
C SER A 138 -15.76 -24.69 26.02
N ALA A 139 -15.21 -24.17 24.91
CA ALA A 139 -14.54 -22.87 24.95
C ALA A 139 -15.52 -21.78 25.36
N LYS A 140 -14.99 -20.74 25.99
CA LYS A 140 -15.78 -19.63 26.52
C LYS A 140 -15.56 -18.39 25.67
N ILE A 141 -16.66 -17.79 25.24
CA ILE A 141 -16.59 -16.55 24.47
C ILE A 141 -17.52 -15.53 25.12
N GLU A 142 -17.14 -14.27 25.02
CA GLU A 142 -17.99 -13.18 25.46
C GLU A 142 -18.16 -12.20 24.31
N ALA A 143 -19.36 -11.66 24.17
CA ALA A 143 -19.62 -10.62 23.18
C ALA A 143 -20.38 -9.49 23.85
N ILE A 144 -20.01 -8.25 23.48
CA ILE A 144 -20.73 -7.06 23.91
C ILE A 144 -21.12 -6.26 22.68
N ALA A 145 -22.17 -5.44 22.83
CA ALA A 145 -22.60 -4.55 21.76
C ALA A 145 -23.09 -3.26 22.36
N THR A 146 -23.22 -2.23 21.52
CA THR A 146 -23.86 -1.00 21.97
C THR A 146 -25.38 -1.21 22.08
N TYR A 147 -26.08 -0.15 22.49
CA TYR A 147 -27.53 -0.19 22.57
C TYR A 147 -28.20 -0.07 21.21
N VAL A 148 -27.44 0.20 20.15
CA VAL A 148 -28.04 0.43 18.82
C VAL A 148 -28.49 -0.90 18.22
N PRO A 149 -29.75 -1.03 17.79
CA PRO A 149 -30.25 -2.35 17.33
C PRO A 149 -29.41 -3.02 16.24
N ARG A 150 -28.93 -2.28 15.24
CA ARG A 150 -28.16 -2.93 14.19
C ARG A 150 -26.88 -3.55 14.73
N SER A 151 -26.30 -2.97 15.78
CA SER A 151 -25.09 -3.56 16.36
C SER A 151 -25.42 -4.79 17.22
N ILE A 152 -26.54 -4.75 17.97
CA ILE A 152 -26.98 -5.94 18.70
C ILE A 152 -27.33 -7.06 17.71
N ASN A 153 -28.07 -6.74 16.65
CA ASN A 153 -28.41 -7.76 15.68
C ASN A 153 -27.18 -8.31 14.96
N SER A 154 -26.13 -7.48 14.76
CA SER A 154 -24.90 -8.01 14.17
C SER A 154 -24.22 -8.98 15.11
N MET A 155 -24.16 -8.62 16.40
CA MET A 155 -23.66 -9.54 17.41
C MET A 155 -24.40 -10.88 17.36
N ASP A 156 -25.72 -10.82 17.24
CA ASP A 156 -26.50 -12.06 17.28
C ASP A 156 -26.30 -12.91 16.03
N ALA A 157 -26.16 -12.28 14.86
CA ALA A 157 -25.88 -13.08 13.67
C ALA A 157 -24.53 -13.77 13.79
N PHE A 158 -23.53 -13.05 14.33
CA PHE A 158 -22.21 -13.63 14.60
C PHE A 158 -22.29 -14.78 15.60
N LEU A 159 -22.92 -14.54 16.75
CA LEU A 159 -22.99 -15.56 17.81
C LEU A 159 -23.77 -16.78 17.35
N SER A 160 -24.84 -16.57 16.60
CA SER A 160 -25.65 -17.69 16.14
C SER A 160 -24.83 -18.61 15.24
N CYS A 161 -24.00 -18.03 14.39
CA CYS A 161 -23.08 -18.83 13.58
C CYS A 161 -22.10 -19.60 14.47
N MET A 162 -21.51 -18.91 15.46
CA MET A 162 -20.62 -19.51 16.45
C MET A 162 -21.30 -20.73 17.09
N ILE A 163 -22.53 -20.53 17.57
CA ILE A 163 -23.24 -21.58 18.31
C ILE A 163 -23.65 -22.72 17.40
N ARG A 164 -24.07 -22.43 16.18
CA ARG A 164 -24.46 -23.53 15.29
C ARG A 164 -23.26 -24.44 15.00
N HIS A 165 -22.07 -23.86 14.90
CA HIS A 165 -20.86 -24.63 14.62
C HIS A 165 -20.39 -25.41 15.84
N ASN A 166 -20.44 -24.83 17.03
CA ASN A 166 -20.13 -25.59 18.24
C ASN A 166 -21.13 -25.24 19.32
N PRO A 167 -22.22 -26.00 19.46
CA PRO A 167 -23.22 -25.66 20.48
C PRO A 167 -22.70 -25.86 21.89
N ALA A 168 -21.54 -26.49 22.07
CA ALA A 168 -20.96 -26.63 23.39
C ALA A 168 -20.14 -25.42 23.83
N LEU A 169 -20.09 -24.35 23.03
CA LEU A 169 -19.49 -23.11 23.49
C LEU A 169 -20.23 -22.55 24.70
N GLN A 170 -19.48 -21.95 25.61
CA GLN A 170 -20.06 -21.17 26.70
C GLN A 170 -20.08 -19.72 26.23
N VAL A 171 -21.23 -19.06 26.33
CA VAL A 171 -21.42 -17.78 25.65
C VAL A 171 -22.01 -16.76 26.63
N GLN A 172 -21.30 -15.65 26.81
CA GLN A 172 -21.82 -14.52 27.58
C GLN A 172 -22.12 -13.39 26.60
N ARG A 173 -23.36 -12.89 26.64
CA ARG A 173 -23.86 -11.91 25.68
C ARG A 173 -24.44 -10.74 26.46
N SER A 174 -23.98 -9.53 26.19
CA SER A 174 -24.56 -8.38 26.86
C SER A 174 -24.42 -7.16 25.95
N GLU A 175 -25.20 -6.13 26.26
CA GLU A 175 -25.18 -4.93 25.41
C GLU A 175 -25.83 -3.79 26.17
N GLY A 176 -25.54 -2.56 25.72
CA GLY A 176 -26.28 -1.40 26.20
C GLY A 176 -25.37 -0.22 26.47
N LYS A 177 -25.97 0.82 27.06
CA LYS A 177 -25.25 2.07 27.33
C LYS A 177 -24.13 1.89 28.35
N GLN A 178 -24.13 0.80 29.14
CA GLN A 178 -23.01 0.53 30.03
CA GLN A 178 -23.00 0.57 30.04
C GLN A 178 -21.69 0.44 29.28
N TYR A 179 -21.73 0.19 27.97
CA TYR A 179 -20.50 0.12 27.19
C TYR A 179 -20.23 1.40 26.43
N ASN A 180 -20.94 2.49 26.75
CA ASN A 180 -20.74 3.75 26.01
C ASN A 180 -19.31 4.25 26.14
N HIS A 181 -18.70 4.10 27.31
CA HIS A 181 -17.36 4.66 27.49
C HIS A 181 -16.32 3.98 26.60
N ILE A 182 -16.49 2.71 26.26
CA ILE A 182 -15.51 2.07 25.38
C ILE A 182 -16.02 1.92 23.95
N LEU A 183 -17.33 1.97 23.71
CA LEU A 183 -17.80 1.74 22.34
C LEU A 183 -18.42 2.96 21.68
N ARG A 184 -18.84 3.96 22.45
CA ARG A 184 -19.42 5.17 21.91
C ARG A 184 -18.75 6.39 22.53
N PHE A 185 -17.45 6.29 22.76
CA PHE A 185 -16.68 7.40 23.31
C PHE A 185 -16.82 8.68 22.49
N PHE A 186 -17.16 8.56 21.20
CA PHE A 186 -17.31 9.74 20.37
C PHE A 186 -18.56 10.55 20.72
N ASP A 187 -19.45 10.02 21.55
CA ASP A 187 -20.59 10.77 22.05
C ASP A 187 -20.33 11.39 23.42
N LEU A 188 -19.24 11.02 24.08
CA LEU A 188 -19.06 11.33 25.49
C LEU A 188 -18.06 12.44 25.75
N ASN A 189 -17.15 12.72 24.83
CA ASN A 189 -16.16 13.76 25.03
C ASN A 189 -16.69 15.09 24.51
N LYS A 190 -16.87 16.05 25.43
CA LYS A 190 -17.51 17.32 25.09
C LYS A 190 -16.73 18.06 24.01
N SER A 191 -15.40 18.14 24.15
CA SER A 191 -14.60 18.87 23.17
C SER A 191 -14.69 18.22 21.80
N TYR A 192 -14.73 16.89 21.75
CA TYR A 192 -14.85 16.22 20.46
C TYR A 192 -16.22 16.46 19.84
N VAL A 193 -17.29 16.38 20.63
CA VAL A 193 -18.63 16.62 20.08
C VAL A 193 -18.70 18.02 19.47
N ASN A 194 -18.18 19.02 20.18
CA ASN A 194 -18.12 20.37 19.64
C ASN A 194 -17.30 20.43 18.35
N TYR A 195 -16.15 19.74 18.33
CA TYR A 195 -15.34 19.73 17.11
C TYR A 195 -16.09 19.09 15.96
N LYS A 196 -16.73 17.95 16.23
CA LYS A 196 -17.47 17.25 15.19
C LYS A 196 -18.61 18.13 14.64
N GLU A 197 -19.25 18.91 15.51
CA GLU A 197 -20.44 19.64 15.08
C GLU A 197 -20.08 20.95 14.40
N LYS A 198 -19.03 21.65 14.88
CA LYS A 198 -18.73 22.98 14.35
C LYS A 198 -17.23 23.32 14.39
N GLY A 199 -16.35 22.32 14.32
CA GLY A 199 -14.92 22.56 14.34
C GLY A 199 -14.37 23.03 13.01
N ASP A 200 -13.07 23.35 13.01
CA ASP A 200 -12.40 24.00 11.89
C ASP A 200 -12.31 23.14 10.64
N TRP A 201 -12.62 21.83 10.74
CA TRP A 201 -12.62 20.99 9.56
C TRP A 201 -13.78 21.32 8.62
N LEU A 202 -14.89 21.85 9.17
CA LEU A 202 -16.08 22.12 8.36
C LEU A 202 -15.82 23.05 7.19
N PRO A 203 -15.21 24.22 7.36
CA PRO A 203 -14.96 25.08 6.19
C PRO A 203 -14.07 24.42 5.16
N ILE A 204 -13.11 23.60 5.60
CA ILE A 204 -12.23 22.91 4.67
C ILE A 204 -13.01 21.92 3.84
N TYR A 205 -13.87 21.14 4.50
CA TYR A 205 -14.72 20.19 3.80
C TYR A 205 -15.61 20.88 2.78
N LYS A 206 -16.30 21.94 3.19
CA LYS A 206 -17.24 22.61 2.28
C LYS A 206 -16.53 23.20 1.07
N ALA A 207 -15.37 23.84 1.27
CA ALA A 207 -14.59 24.33 0.14
C ALA A 207 -14.14 23.18 -0.77
N PHE A 208 -13.79 22.05 -0.16
CA PHE A 208 -13.38 20.90 -0.95
C PHE A 208 -14.53 20.36 -1.80
N VAL A 209 -15.74 20.31 -1.22
CA VAL A 209 -16.91 19.86 -1.97
C VAL A 209 -17.16 20.76 -3.17
N HIS A 210 -17.14 22.09 -2.93
CA HIS A 210 -17.35 23.06 -4.01
CA HIS A 210 -17.39 23.00 -4.03
C HIS A 210 -16.29 22.94 -5.09
N LYS A 211 -15.07 22.58 -4.71
CA LYS A 211 -14.01 22.42 -5.69
C LYS A 211 -14.19 21.14 -6.49
N LYS A 212 -14.65 20.07 -5.84
CA LYS A 212 -14.63 18.75 -6.47
C LYS A 212 -15.92 18.40 -7.21
N ILE A 213 -17.06 18.93 -6.79
CA ILE A 213 -18.36 18.48 -7.28
C ILE A 213 -18.94 19.57 -8.17
N SER A 214 -19.17 19.24 -9.44
CA SER A 214 -19.79 20.12 -10.41
C SER A 214 -21.25 19.71 -10.62
N PRO A 215 -22.22 20.42 -10.05
CA PRO A 215 -23.59 19.89 -10.05
C PRO A 215 -24.28 19.93 -11.40
N VAL A 216 -23.96 20.90 -12.26
CA VAL A 216 -24.79 21.12 -13.46
C VAL A 216 -24.85 19.89 -14.37
N PRO A 217 -23.73 19.26 -14.75
CA PRO A 217 -23.83 18.09 -15.64
C PRO A 217 -24.64 16.95 -15.07
N ILE A 218 -24.61 16.73 -13.76
CA ILE A 218 -25.42 15.67 -13.17
C ILE A 218 -26.90 16.03 -13.26
N MET A 219 -27.25 17.26 -12.91
CA MET A 219 -28.66 17.65 -12.91
C MET A 219 -29.23 17.76 -14.32
N LYS A 220 -28.38 18.09 -15.31
CA LYS A 220 -28.80 18.09 -16.71
C LYS A 220 -29.46 16.76 -17.09
N LYS A 221 -29.06 15.68 -16.44
CA LYS A 221 -29.61 14.36 -16.72
C LYS A 221 -31.09 14.28 -16.34
N PHE A 222 -31.51 15.06 -15.34
CA PHE A 222 -32.81 14.90 -14.70
C PHE A 222 -33.71 16.11 -14.81
N LEU A 223 -33.16 17.30 -14.99
CA LEU A 223 -33.92 18.53 -14.90
C LEU A 223 -33.69 19.36 -16.15
N LEU A 224 -34.78 19.80 -16.77
CA LEU A 224 -34.69 20.83 -17.78
C LEU A 224 -34.15 22.10 -17.15
N ASN A 225 -33.25 22.77 -17.88
CA ASN A 225 -32.74 24.07 -17.49
C ASN A 225 -32.06 24.00 -16.13
N PRO A 226 -31.08 23.11 -15.94
CA PRO A 226 -30.47 22.99 -14.61
C PRO A 226 -29.64 24.21 -14.22
N GLU A 227 -29.27 25.07 -15.17
CA GLU A 227 -28.51 26.28 -14.84
C GLU A 227 -29.32 27.31 -14.05
N GLN A 228 -30.65 27.18 -14.00
CA GLN A 228 -31.47 28.09 -13.20
C GLN A 228 -31.33 27.85 -11.71
N TYR A 229 -30.82 26.69 -11.29
CA TYR A 229 -30.66 26.39 -9.88
C TYR A 229 -29.44 27.10 -9.30
N LEU A 230 -29.61 27.72 -8.14
CA LEU A 230 -28.47 28.30 -7.44
C LEU A 230 -27.50 27.20 -7.05
N ASP A 231 -26.21 27.57 -7.02
CA ASP A 231 -25.17 26.58 -6.79
C ASP A 231 -25.39 25.86 -5.45
N LYS A 232 -25.86 26.58 -4.44
CA LYS A 232 -26.10 25.97 -3.12
C LYS A 232 -27.13 24.85 -3.18
N GLU A 233 -28.31 25.15 -3.73
CA GLU A 233 -29.34 24.12 -3.81
C GLU A 233 -28.94 23.00 -4.78
N ALA A 234 -28.28 23.36 -5.89
CA ALA A 234 -27.79 22.34 -6.81
C ALA A 234 -26.82 21.39 -6.11
N GLU A 235 -25.91 21.93 -5.31
CA GLU A 235 -24.95 21.08 -4.61
CA GLU A 235 -24.95 21.09 -4.60
C GLU A 235 -25.65 20.17 -3.61
N GLU A 236 -26.60 20.70 -2.84
CA GLU A 236 -27.30 19.87 -1.86
C GLU A 236 -28.11 18.78 -2.54
N PHE A 237 -28.76 19.09 -3.66
CA PHE A 237 -29.48 18.05 -4.39
C PHE A 237 -28.53 16.93 -4.81
N VAL A 238 -27.40 17.28 -5.42
CA VAL A 238 -26.51 16.26 -5.95
C VAL A 238 -25.89 15.43 -4.83
N MET A 239 -25.44 16.09 -3.76
CA MET A 239 -24.87 15.35 -2.64
C MET A 239 -25.89 14.41 -2.01
N ALA A 240 -27.14 14.86 -1.88
CA ALA A 240 -28.18 13.97 -1.34
C ALA A 240 -28.40 12.78 -2.26
N LEU A 241 -28.38 12.98 -3.58
CA LEU A 241 -28.59 11.87 -4.52
C LEU A 241 -27.46 10.85 -4.46
N PHE A 242 -26.20 11.32 -4.40
CA PHE A 242 -25.06 10.42 -4.18
C PHE A 242 -25.27 9.58 -2.92
N SER A 243 -25.79 10.21 -1.85
CA SER A 243 -25.97 9.53 -0.58
C SER A 243 -26.96 8.39 -0.68
N VAL A 244 -28.07 8.62 -1.38
CA VAL A 244 -29.06 7.57 -1.62
C VAL A 244 -28.46 6.45 -2.46
N ALA A 245 -27.76 6.81 -3.54
CA ALA A 245 -27.18 5.76 -4.38
C ALA A 245 -26.11 4.98 -3.62
N ALA A 246 -25.33 5.64 -2.76
CA ALA A 246 -24.22 4.96 -2.10
C ALA A 246 -24.70 3.91 -1.11
N ILE A 247 -25.83 4.13 -0.46
CA ILE A 247 -26.29 3.20 0.57
C ILE A 247 -27.13 2.06 0.01
N LEU A 248 -27.68 2.22 -1.19
CA LEU A 248 -28.58 1.19 -1.73
C LEU A 248 -27.98 -0.21 -1.77
N PRO A 249 -26.72 -0.44 -2.17
CA PRO A 249 -26.18 -1.81 -2.16
C PRO A 249 -26.10 -2.44 -0.78
N ASP A 250 -26.29 -1.68 0.29
CA ASP A 250 -26.22 -2.21 1.64
C ASP A 250 -27.58 -2.70 2.15
N THR A 251 -28.67 -2.48 1.40
CA THR A 251 -30.03 -2.72 1.87
C THR A 251 -30.61 -4.08 1.48
N SER A 252 -29.93 -4.85 0.64
CA SER A 252 -30.46 -6.08 0.04
C SER A 252 -31.68 -5.85 -0.83
N ILE A 253 -32.01 -4.61 -1.16
CA ILE A 253 -33.08 -4.35 -2.12
C ILE A 253 -32.54 -4.55 -3.53
N PRO A 254 -33.23 -5.31 -4.38
CA PRO A 254 -32.72 -5.60 -5.74
C PRO A 254 -32.92 -4.45 -6.72
N LEU A 255 -32.39 -3.29 -6.37
CA LEU A 255 -32.41 -2.13 -7.23
C LEU A 255 -31.03 -1.49 -7.19
N ASN A 256 -30.61 -0.84 -8.27
CA ASN A 256 -29.29 -0.22 -8.31
C ASN A 256 -29.36 1.16 -8.94
N LEU A 257 -28.61 2.10 -8.35
CA LEU A 257 -28.56 3.47 -8.83
C LEU A 257 -27.14 3.93 -9.13
N GLU A 258 -26.19 3.00 -9.30
CA GLU A 258 -24.82 3.40 -9.52
C GLU A 258 -24.66 4.16 -10.83
N ASP A 259 -25.52 3.90 -11.81
CA ASP A 259 -25.40 4.52 -13.13
C ASP A 259 -26.00 5.91 -13.22
N LEU A 260 -26.51 6.45 -12.12
CA LEU A 260 -26.88 7.86 -12.12
C LEU A 260 -25.66 8.76 -12.32
N PHE A 261 -24.47 8.25 -12.01
CA PHE A 261 -23.25 9.04 -12.07
C PHE A 261 -22.20 8.30 -12.87
N THR A 262 -21.35 9.06 -13.55
CA THR A 262 -20.18 8.49 -14.20
C THR A 262 -19.17 8.04 -13.15
N LEU A 263 -18.18 7.27 -13.61
CA LEU A 263 -17.12 6.79 -12.73
C LEU A 263 -16.31 7.95 -12.15
N ASP A 264 -16.01 8.97 -12.98
CA ASP A 264 -15.30 10.14 -12.47
C ASP A 264 -16.12 10.91 -11.45
N GLU A 265 -17.45 10.95 -11.61
CA GLU A 265 -18.28 11.64 -10.62
C GLU A 265 -18.27 10.89 -9.28
N TRP A 266 -18.35 9.55 -9.32
CA TRP A 266 -18.22 8.77 -8.10
C TRP A 266 -16.86 8.96 -7.43
N HIS A 267 -15.80 9.02 -8.25
CA HIS A 267 -14.45 9.23 -7.72
C HIS A 267 -14.37 10.55 -6.94
N ARG A 268 -14.90 11.61 -7.52
CA ARG A 268 -14.90 12.90 -6.84
C ARG A 268 -15.78 12.87 -5.59
N TYR A 269 -16.98 12.31 -5.70
CA TYR A 269 -17.80 12.19 -4.49
C TYR A 269 -17.05 11.46 -3.39
N TRP A 270 -16.45 10.31 -3.73
CA TRP A 270 -15.71 9.57 -2.71
C TRP A 270 -14.60 10.40 -2.09
N GLN A 271 -13.84 11.15 -2.90
CA GLN A 271 -12.79 11.99 -2.31
C GLN A 271 -13.35 12.96 -1.29
N THR A 272 -14.52 13.55 -1.55
CA THR A 272 -15.08 14.49 -0.56
C THR A 272 -15.52 13.77 0.70
N GLN A 273 -16.15 12.59 0.58
CA GLN A 273 -16.61 11.91 1.79
C GLN A 273 -15.42 11.30 2.53
N ASN A 274 -14.43 10.82 1.80
CA ASN A 274 -13.21 10.35 2.42
C ASN A 274 -12.55 11.44 3.25
N LEU A 275 -12.48 12.66 2.71
CA LEU A 275 -11.89 13.78 3.44
C LEU A 275 -12.74 14.12 4.67
N ARG A 276 -14.07 14.07 4.53
CA ARG A 276 -14.95 14.31 5.69
C ARG A 276 -14.66 13.32 6.81
N GLN A 277 -14.55 12.01 6.47
CA GLN A 277 -14.27 11.00 7.49
C GLN A 277 -12.91 11.22 8.14
N TYR A 278 -11.89 11.48 7.32
CA TYR A 278 -10.54 11.68 7.81
C TYR A 278 -10.45 12.84 8.80
N MET A 279 -10.98 14.01 8.41
CA MET A 279 -10.87 15.21 9.23
C MET A 279 -11.72 15.12 10.49
N SER A 280 -12.92 14.52 10.40
CA SER A 280 -13.81 14.59 11.54
C SER A 280 -13.61 13.43 12.50
N LYS A 281 -13.02 12.32 12.04
CA LYS A 281 -12.90 11.11 12.84
C LYS A 281 -11.50 10.56 12.97
N SER A 282 -10.52 11.10 12.27
CA SER A 282 -9.20 10.45 12.27
C SER A 282 -8.07 11.46 12.54
N SER A 283 -6.90 11.23 11.94
CA SER A 283 -5.68 11.90 12.37
C SER A 283 -5.34 13.17 11.59
N ALA A 284 -6.33 13.81 10.94
CA ALA A 284 -6.08 15.05 10.22
C ALA A 284 -5.43 16.11 11.11
N PRO A 285 -4.40 16.83 10.63
CA PRO A 285 -3.82 17.93 11.44
C PRO A 285 -4.85 18.92 11.99
N VAL A 286 -5.91 19.23 11.24
CA VAL A 286 -6.91 20.18 11.71
C VAL A 286 -7.59 19.67 12.99
N GLY A 287 -7.68 18.35 13.17
CA GLY A 287 -8.28 17.82 14.39
C GLY A 287 -7.35 17.74 15.58
N LYS A 288 -6.04 17.94 15.36
CA LYS A 288 -5.03 17.94 16.43
C LYS A 288 -5.03 16.62 17.21
N MET A 289 -5.37 15.52 16.55
CA MET A 289 -5.49 14.18 17.13
C MET A 289 -6.58 14.03 18.18
N LEU A 290 -7.37 15.08 18.44
CA LEU A 290 -8.54 14.92 19.31
C LEU A 290 -9.46 13.79 18.85
N PRO A 291 -9.80 13.64 17.56
CA PRO A 291 -10.69 12.54 17.18
C PRO A 291 -10.12 11.17 17.49
N VAL A 292 -8.80 11.05 17.50
CA VAL A 292 -8.16 9.76 17.74
C VAL A 292 -7.97 9.49 19.21
N ALA A 293 -7.59 10.52 19.97
CA ALA A 293 -7.27 10.35 21.39
C ALA A 293 -8.46 9.83 22.18
N ILE A 294 -9.69 10.20 21.80
CA ILE A 294 -10.87 9.78 22.57
C ILE A 294 -11.06 8.26 22.57
N ALA A 295 -10.38 7.54 21.67
CA ALA A 295 -10.53 6.10 21.64
C ALA A 295 -9.70 5.36 22.69
N TRP A 296 -8.85 6.05 23.47
CA TRP A 296 -7.94 5.31 24.34
C TRP A 296 -8.63 4.37 25.34
N PRO A 297 -9.82 4.65 25.88
CA PRO A 297 -10.42 3.65 26.78
C PRO A 297 -10.68 2.32 26.11
N LEU A 298 -10.96 2.31 24.80
CA LEU A 298 -11.15 1.01 24.14
C LEU A 298 -9.81 0.29 23.95
N LEU A 299 -8.75 1.00 23.57
CA LEU A 299 -7.44 0.36 23.48
C LEU A 299 -6.99 -0.15 24.86
N SER A 300 -7.27 0.61 25.91
CA SER A 300 -6.96 0.15 27.25
C SER A 300 -7.72 -1.14 27.59
N GLU A 301 -9.00 -1.18 27.26
CA GLU A 301 -9.80 -2.36 27.59
C GLU A 301 -9.34 -3.56 26.78
N PHE A 302 -8.94 -3.35 25.51
CA PHE A 302 -8.35 -4.42 24.70
C PHE A 302 -7.11 -5.01 25.37
N ILE A 303 -6.21 -4.15 25.83
CA ILE A 303 -4.99 -4.63 26.46
C ILE A 303 -5.30 -5.36 27.75
N ARG A 304 -6.26 -4.84 28.53
CA ARG A 304 -6.59 -5.48 29.80
C ARG A 304 -7.20 -6.87 29.59
N SER A 305 -8.12 -7.02 28.62
CA SER A 305 -8.73 -8.33 28.44
C SER A 305 -7.69 -9.34 27.97
N ALA A 306 -6.74 -8.90 27.15
CA ALA A 306 -5.67 -9.80 26.74
C ALA A 306 -4.77 -10.17 27.92
N GLN A 307 -4.37 -9.16 28.71
CA GLN A 307 -3.48 -9.44 29.84
CA GLN A 307 -3.50 -9.41 29.87
C GLN A 307 -4.14 -10.39 30.85
N GLU A 308 -5.45 -10.28 31.04
CA GLU A 308 -6.12 -11.16 32.00
C GLU A 308 -6.18 -12.59 31.49
N VAL A 309 -6.40 -12.77 30.19
CA VAL A 309 -6.39 -14.10 29.61
C VAL A 309 -5.00 -14.69 29.68
N ILE A 310 -3.98 -13.90 29.33
CA ILE A 310 -2.61 -14.37 29.39
C ILE A 310 -2.25 -14.80 30.80
N SER A 311 -2.75 -14.10 31.82
CA SER A 311 -2.35 -14.41 33.19
C SER A 311 -3.15 -15.56 33.80
N GLY A 312 -4.32 -15.87 33.24
CA GLY A 312 -5.22 -16.83 33.86
C GLY A 312 -6.30 -16.21 34.72
N LYS A 313 -6.26 -14.88 34.94
CA LYS A 313 -7.36 -14.23 35.66
C LYS A 313 -8.68 -14.43 34.93
N SER A 314 -8.63 -14.38 33.62
CA SER A 314 -9.76 -14.66 32.73
C SER A 314 -9.45 -15.92 31.94
N ASP A 315 -10.47 -16.75 31.68
CA ASP A 315 -10.23 -17.92 30.82
C ASP A 315 -11.11 -17.88 29.57
N TYR A 316 -11.45 -16.69 29.10
CA TYR A 316 -12.10 -16.55 27.80
C TYR A 316 -11.18 -16.97 26.67
N GLN A 317 -11.76 -17.61 25.64
CA GLN A 317 -11.03 -17.89 24.42
C GLN A 317 -11.18 -16.78 23.38
N ALA A 318 -12.17 -15.90 23.55
CA ALA A 318 -12.32 -14.76 22.66
C ALA A 318 -13.21 -13.72 23.31
N ASN A 319 -12.92 -12.44 23.04
CA ASN A 319 -13.79 -11.33 23.36
C ASN A 319 -14.18 -10.64 22.06
N PHE A 320 -15.49 -10.57 21.80
CA PHE A 320 -16.04 -9.91 20.63
C PHE A 320 -16.77 -8.65 21.07
N ARG A 321 -16.74 -7.63 20.22
CA ARG A 321 -17.33 -6.33 20.53
C ARG A 321 -17.93 -5.79 19.24
N PHE A 322 -19.18 -5.31 19.32
CA PHE A 322 -19.91 -4.90 18.12
C PHE A 322 -20.33 -3.44 18.27
N ALA A 323 -19.90 -2.60 17.33
CA ALA A 323 -20.08 -1.17 17.48
C ALA A 323 -20.22 -0.50 16.11
N HIS A 324 -19.41 0.53 15.83
CA HIS A 324 -19.73 1.51 14.80
C HIS A 324 -18.47 1.94 14.05
N ALA A 325 -18.66 2.52 12.86
CA ALA A 325 -17.53 3.11 12.13
C ALA A 325 -16.83 4.16 12.97
N ASN A 326 -17.61 4.95 13.71
CA ASN A 326 -17.04 5.97 14.60
C ASN A 326 -16.26 5.35 15.75
N THR A 327 -16.47 4.06 16.04
CA THR A 327 -15.62 3.33 16.99
C THR A 327 -14.34 2.86 16.28
N VAL A 328 -14.51 2.20 15.14
CA VAL A 328 -13.40 1.55 14.44
C VAL A 328 -12.37 2.56 13.94
N ILE A 329 -12.83 3.64 13.30
CA ILE A 329 -11.88 4.56 12.65
C ILE A 329 -10.85 5.10 13.63
N PRO A 330 -11.22 5.76 14.73
CA PRO A 330 -10.17 6.28 15.64
C PRO A 330 -9.41 5.19 16.36
N PHE A 331 -10.04 4.05 16.64
CA PHE A 331 -9.35 2.93 17.28
C PHE A 331 -8.20 2.43 16.43
N VAL A 332 -8.44 2.25 15.13
CA VAL A 332 -7.39 1.82 14.22
C VAL A 332 -6.28 2.86 14.16
N SER A 333 -6.65 4.15 14.08
CA SER A 333 -5.63 5.19 14.05
C SER A 333 -4.81 5.20 15.35
N LEU A 334 -5.48 4.95 16.48
CA LEU A 334 -4.75 5.01 17.75
C LEU A 334 -3.83 3.79 17.91
N MET A 335 -4.25 2.61 17.44
CA MET A 335 -3.28 1.51 17.33
C MET A 335 -2.07 1.86 16.50
N GLY A 336 -2.21 2.81 15.57
CA GLY A 336 -1.10 3.15 14.71
C GLY A 336 -0.87 2.17 13.57
N ILE A 337 -1.92 1.46 13.14
CA ILE A 337 -1.78 0.60 11.97
C ILE A 337 -1.29 1.43 10.79
N GLU A 338 -0.27 0.94 10.11
CA GLU A 338 0.38 1.77 9.11
C GLU A 338 -0.59 2.21 8.04
N LYS A 339 -0.48 3.48 7.67
CA LYS A 339 -1.31 4.27 6.78
C LYS A 339 -2.39 4.99 7.57
N THR A 340 -3.01 4.34 8.57
CA THR A 340 -4.29 4.80 9.09
C THR A 340 -4.19 5.99 10.03
N ASP A 341 -2.98 6.35 10.50
CA ASP A 341 -2.79 7.46 11.41
C ASP A 341 -1.92 8.55 10.79
N VAL A 342 -1.75 8.53 9.47
CA VAL A 342 -1.00 9.57 8.80
C VAL A 342 -1.64 10.93 9.06
N GLN A 343 -0.80 11.96 9.19
CA GLN A 343 -1.22 13.34 9.42
C GLN A 343 -0.85 14.13 8.17
N VAL A 344 -1.80 14.23 7.26
CA VAL A 344 -1.60 14.85 5.95
C VAL A 344 -2.04 16.30 6.03
N CYS A 345 -1.12 17.22 5.72
CA CYS A 345 -1.47 18.62 5.89
C CYS A 345 -2.21 19.21 4.69
N ARG A 346 -2.11 18.59 3.51
CA ARG A 346 -2.77 19.11 2.31
C ARG A 346 -4.06 18.34 2.04
N PRO A 347 -5.22 18.99 2.03
CA PRO A 347 -6.47 18.22 1.91
C PRO A 347 -6.60 17.47 0.60
N ASP A 348 -6.07 18.03 -0.50
CA ASP A 348 -6.12 17.32 -1.77
C ASP A 348 -5.22 16.09 -1.81
N SER A 349 -4.30 15.94 -0.86
CA SER A 349 -3.46 14.75 -0.83
C SER A 349 -4.03 13.63 0.04
N VAL A 350 -5.11 13.86 0.80
CA VAL A 350 -5.58 12.86 1.76
C VAL A 350 -5.94 11.54 1.06
N SER A 351 -6.67 11.63 -0.05
CA SER A 351 -7.13 10.41 -0.70
C SER A 351 -5.98 9.54 -1.21
N VAL A 352 -4.82 10.12 -1.46
CA VAL A 352 -3.67 9.32 -1.88
C VAL A 352 -3.17 8.46 -0.72
N TYR A 353 -3.24 8.99 0.50
CA TYR A 353 -2.56 8.39 1.64
C TYR A 353 -3.48 7.72 2.64
N TRP A 354 -4.79 8.00 2.60
CA TRP A 354 -5.71 7.49 3.63
C TRP A 354 -7.02 7.14 2.94
N LYS A 355 -7.45 5.88 3.04
CA LYS A 355 -8.56 5.38 2.23
C LYS A 355 -9.60 4.76 3.16
N ASP A 356 -10.73 5.44 3.36
CA ASP A 356 -11.70 4.97 4.34
C ASP A 356 -12.29 3.62 3.97
N TYR A 357 -12.40 3.28 2.68
CA TYR A 357 -12.98 1.98 2.35
C TYR A 357 -12.05 0.83 2.71
N GLU A 358 -10.75 1.11 2.92
CA GLU A 358 -9.81 0.12 3.41
C GLU A 358 -9.82 0.01 4.93
N ILE A 359 -10.35 1.01 5.62
CA ILE A 359 -10.36 1.03 7.08
C ILE A 359 -11.70 0.59 7.63
N SER A 360 -12.78 1.20 7.15
CA SER A 360 -14.10 1.06 7.78
C SER A 360 -15.21 0.87 6.72
N PRO A 361 -15.13 -0.20 5.92
CA PRO A 361 -16.32 -0.58 5.14
C PRO A 361 -17.44 -1.07 6.06
N MET A 362 -18.60 -1.44 5.52
CA MET A 362 -19.59 -2.11 6.35
C MET A 362 -18.99 -3.38 6.91
N ALA A 363 -19.35 -3.71 8.17
CA ALA A 363 -18.82 -4.86 8.90
C ALA A 363 -17.30 -4.79 9.13
N ALA A 364 -16.67 -3.62 9.00
CA ALA A 364 -15.25 -3.49 9.31
C ALA A 364 -14.93 -4.08 10.68
N ASN A 365 -13.78 -4.76 10.78
CA ASN A 365 -13.42 -5.41 12.04
C ASN A 365 -11.91 -5.49 12.21
N VAL A 366 -11.50 -5.49 13.48
CA VAL A 366 -10.12 -5.63 13.88
C VAL A 366 -10.05 -6.88 14.75
N GLN A 367 -9.09 -7.76 14.47
CA GLN A 367 -8.88 -8.96 15.28
C GLN A 367 -7.42 -9.03 15.70
N TRP A 368 -7.18 -9.20 17.00
CA TRP A 368 -5.85 -9.50 17.53
C TRP A 368 -5.82 -10.99 17.84
N LEU A 369 -4.89 -11.72 17.22
CA LEU A 369 -4.76 -13.15 17.41
C LEU A 369 -3.50 -13.41 18.22
N PHE A 370 -3.65 -14.04 19.38
CA PHE A 370 -2.54 -14.30 20.30
C PHE A 370 -2.06 -15.74 20.18
N TYR A 371 -0.74 -15.91 20.10
CA TYR A 371 -0.10 -17.21 19.99
C TYR A 371 0.94 -17.38 21.09
N ARG A 372 1.16 -18.63 21.48
CA ARG A 372 2.22 -18.95 22.44
C ARG A 372 3.12 -19.97 21.77
N ASP A 373 4.41 -19.67 21.64
CA ASP A 373 5.32 -20.58 20.96
C ASP A 373 5.84 -21.63 21.93
N ARG A 374 6.81 -22.44 21.47
CA ARG A 374 7.31 -23.56 22.25
C ARG A 374 8.03 -23.11 23.53
N ASP A 375 8.62 -21.92 23.51
CA ASP A 375 9.33 -21.36 24.65
C ASP A 375 8.46 -20.41 25.47
N GLN A 376 7.13 -20.51 25.32
CA GLN A 376 6.13 -19.73 26.03
C GLN A 376 6.17 -18.24 25.71
N ARG A 377 6.83 -17.82 24.63
CA ARG A 377 6.75 -16.43 24.24
C ARG A 377 5.42 -16.15 23.54
N ILE A 378 4.88 -14.96 23.75
CA ILE A 378 3.56 -14.59 23.25
C ILE A 378 3.73 -13.71 22.01
N TRP A 379 3.11 -14.15 20.92
CA TRP A 379 3.07 -13.49 19.63
CA TRP A 379 3.08 -13.40 19.68
C TRP A 379 1.66 -12.95 19.38
N VAL A 380 1.54 -11.83 18.68
CA VAL A 380 0.23 -11.30 18.31
C VAL A 380 0.26 -10.93 16.84
N LYS A 381 -0.81 -11.29 16.14
CA LYS A 381 -1.05 -10.90 14.75
C LYS A 381 -2.26 -9.99 14.74
N ILE A 382 -2.16 -8.86 14.03
CA ILE A 382 -3.26 -7.90 13.90
C ILE A 382 -3.89 -8.03 12.53
N LEU A 383 -5.19 -8.30 12.50
CA LEU A 383 -5.95 -8.37 11.26
C LEU A 383 -6.89 -7.18 11.16
N LEU A 384 -6.77 -6.43 10.07
CA LEU A 384 -7.72 -5.38 9.75
C LEU A 384 -8.53 -5.86 8.55
N ASN A 385 -9.83 -6.05 8.77
CA ASN A 385 -10.71 -6.67 7.80
C ASN A 385 -10.09 -7.96 7.25
N GLU A 386 -9.57 -8.77 8.17
CA GLU A 386 -9.08 -10.12 7.92
C GLU A 386 -7.82 -10.16 7.06
N GLU A 387 -7.10 -9.05 6.97
CA GLU A 387 -5.80 -9.05 6.32
C GLU A 387 -4.76 -8.53 7.30
N ALA A 388 -3.56 -9.10 7.22
CA ALA A 388 -2.51 -8.76 8.17
C ALA A 388 -2.17 -7.27 8.08
N ALA A 389 -2.07 -6.64 9.23
CA ALA A 389 -1.79 -5.22 9.36
C ALA A 389 -0.40 -5.01 9.96
N ALA A 390 0.22 -3.88 9.62
CA ALA A 390 1.57 -3.56 10.06
C ALA A 390 1.52 -2.45 11.10
N LEU A 391 2.39 -2.56 12.09
CA LEU A 391 2.70 -1.59 13.12
C LEU A 391 4.11 -1.07 12.87
N PRO A 392 4.37 0.19 13.19
CA PRO A 392 5.71 0.77 13.01
C PRO A 392 6.69 0.36 14.09
N ILE A 393 6.74 -0.95 14.36
CA ILE A 393 7.75 -1.54 15.24
C ILE A 393 8.34 -2.72 14.47
N SER A 394 9.52 -3.13 14.89
CA SER A 394 10.22 -4.19 14.19
C SER A 394 9.71 -5.57 14.61
N THR A 395 9.84 -6.53 13.69
CA THR A 395 9.61 -7.93 13.99
C THR A 395 10.42 -8.75 13.00
N ALA A 396 11.03 -9.82 13.49
CA ALA A 396 11.73 -10.75 12.62
C ALA A 396 10.81 -11.80 11.99
N CYS A 397 9.51 -11.73 12.25
CA CYS A 397 8.58 -12.77 11.81
C CYS A 397 7.23 -12.16 11.41
N PHE A 398 7.27 -11.13 10.56
CA PHE A 398 6.02 -10.51 10.10
C PHE A 398 5.15 -11.57 9.42
N PRO A 399 3.82 -11.55 9.65
CA PRO A 399 2.98 -10.57 10.37
C PRO A 399 2.88 -10.73 11.88
N TYR A 400 3.67 -11.59 12.52
CA TYR A 400 3.60 -11.79 13.96
C TYR A 400 4.52 -10.80 14.65
N TYR A 401 4.00 -10.15 15.69
CA TYR A 401 4.74 -9.21 16.51
C TYR A 401 4.89 -9.77 17.93
N SER A 402 5.98 -9.41 18.57
CA SER A 402 6.13 -9.67 20.00
C SER A 402 5.04 -8.93 20.77
N TRP A 403 4.29 -9.66 21.60
CA TRP A 403 3.24 -9.01 22.39
C TRP A 403 3.82 -7.99 23.36
N GLU A 404 4.96 -8.32 23.99
CA GLU A 404 5.62 -7.38 24.90
C GLU A 404 5.91 -6.06 24.20
N LYS A 405 6.55 -6.13 23.04
CA LYS A 405 6.84 -4.93 22.27
C LYS A 405 5.57 -4.21 21.85
N THR A 406 4.55 -4.97 21.43
CA THR A 406 3.31 -4.38 20.96
C THR A 406 2.56 -3.67 22.09
N ARG A 407 2.49 -4.33 23.25
CA ARG A 407 1.79 -3.75 24.39
C ARG A 407 2.48 -2.47 24.87
N ILE A 408 3.81 -2.48 24.91
CA ILE A 408 4.56 -1.27 25.25
C ILE A 408 4.23 -0.15 24.28
N PHE A 409 4.20 -0.48 22.99
CA PHE A 409 3.87 0.50 21.97
C PHE A 409 2.45 1.05 22.20
N PHE A 410 1.46 0.16 22.37
CA PHE A 410 0.09 0.60 22.57
C PHE A 410 -0.04 1.43 23.83
N ASN A 411 0.72 1.08 24.88
CA ASN A 411 0.66 1.89 26.11
C ASN A 411 1.23 3.28 25.85
N GLN A 412 2.27 3.38 25.03
CA GLN A 412 2.77 4.71 24.65
C GLN A 412 1.72 5.50 23.89
N ARG A 413 0.96 4.84 23.00
CA ARG A 413 -0.14 5.49 22.29
C ARG A 413 -1.22 5.98 23.24
N ILE A 414 -1.59 5.17 24.24
CA ILE A 414 -2.59 5.61 25.21
C ILE A 414 -2.08 6.84 25.97
N GLU A 415 -0.82 6.80 26.39
CA GLU A 415 -0.27 7.95 27.12
C GLU A 415 -0.27 9.21 26.26
N MET A 416 0.04 9.07 24.97
CA MET A 416 -0.05 10.20 24.04
C MET A 416 -1.48 10.70 23.93
N ALA A 417 -2.45 9.77 23.86
CA ALA A 417 -3.86 10.17 23.81
C ALA A 417 -4.26 10.96 25.04
N LYS A 418 -3.82 10.49 26.22
CA LYS A 418 -4.16 11.20 27.45
C LYS A 418 -3.57 12.60 27.46
N LYS A 419 -2.33 12.74 26.97
CA LYS A 419 -1.72 14.06 26.88
C LYS A 419 -2.51 14.97 25.94
N THR A 420 -2.94 14.45 24.79
CA THR A 420 -3.72 15.24 23.85
C THR A 420 -5.00 15.73 24.50
N LEU A 421 -5.70 14.83 25.19
CA LEU A 421 -6.97 15.20 25.83
C LEU A 421 -6.77 16.19 26.97
N SER A 422 -5.59 16.20 27.59
CA SER A 422 -5.36 17.13 28.71
C SER A 422 -5.33 18.59 28.25
N VAL A 423 -5.23 18.83 26.95
CA VAL A 423 -5.22 20.19 26.42
C VAL A 423 -6.62 20.67 26.02
N PHE A 424 -7.60 19.78 25.95
CA PHE A 424 -8.96 20.18 25.58
C PHE A 424 -9.97 20.08 26.72
N GLN B 22 0.35 0.77 -14.27
CA GLN B 22 1.04 -0.44 -14.71
C GLN B 22 0.08 -1.63 -14.80
N THR B 23 0.15 -2.39 -15.88
CA THR B 23 -0.59 -3.63 -16.00
C THR B 23 0.13 -4.77 -15.28
N LYS B 24 -0.62 -5.87 -15.08
CA LYS B 24 -0.08 -6.99 -14.33
C LYS B 24 1.11 -7.59 -15.04
N ILE B 25 0.98 -7.81 -16.35
CA ILE B 25 2.09 -8.34 -17.13
C ILE B 25 3.33 -7.45 -17.02
N GLN B 26 3.15 -6.13 -16.98
CA GLN B 26 4.32 -5.26 -16.76
C GLN B 26 4.91 -5.47 -15.37
N LYS B 27 4.07 -5.55 -14.34
CA LYS B 27 4.58 -5.76 -12.98
C LYS B 27 5.36 -7.06 -12.88
N TYR B 28 4.92 -8.09 -13.61
CA TYR B 28 5.54 -9.40 -13.50
C TYR B 28 6.95 -9.42 -14.10
N ALA B 29 7.36 -8.36 -14.78
CA ALA B 29 8.75 -8.24 -15.19
C ALA B 29 9.68 -7.96 -14.02
N GLY B 30 9.13 -7.61 -12.84
CA GLY B 30 9.94 -7.44 -11.65
C GLY B 30 10.92 -6.28 -11.79
N THR B 31 12.17 -6.52 -11.40
CA THR B 31 13.19 -5.49 -11.57
C THR B 31 13.50 -5.18 -13.03
N ALA B 32 12.97 -5.94 -13.98
CA ALA B 32 13.10 -5.57 -15.38
C ALA B 32 11.92 -4.76 -15.88
N MET B 33 10.96 -4.43 -15.01
CA MET B 33 9.89 -3.55 -15.41
C MET B 33 10.45 -2.19 -15.81
N PRO B 34 10.03 -1.63 -16.94
CA PRO B 34 10.44 -0.25 -17.27
C PRO B 34 9.90 0.73 -16.24
N TYR B 35 10.55 1.87 -16.14
CA TYR B 35 10.14 2.88 -15.17
C TYR B 35 8.67 3.25 -15.40
N PRO B 36 7.86 3.28 -14.35
CA PRO B 36 6.43 3.56 -14.55
C PRO B 36 6.18 4.97 -15.04
N ASN B 37 4.98 5.19 -15.53
CA ASN B 37 4.62 6.52 -15.99
C ASN B 37 4.47 7.47 -14.81
N ARG B 38 5.03 8.68 -14.95
CA ARG B 38 4.97 9.67 -13.89
C ARG B 38 4.43 11.01 -14.38
N THR B 39 3.63 11.00 -15.46
CA THR B 39 2.89 12.20 -15.85
C THR B 39 1.68 12.44 -14.94
N MET B 49 7.76 25.78 -0.04
CA MET B 49 7.33 24.99 -1.18
C MET B 49 8.49 24.70 -2.12
N THR B 50 9.61 25.46 -1.93
CA THR B 50 10.83 25.24 -2.72
C THR B 50 11.87 24.54 -1.87
N PRO B 51 12.44 23.43 -2.31
CA PRO B 51 13.55 22.82 -1.58
C PRO B 51 14.83 23.62 -1.79
N PHE B 52 15.74 23.50 -0.84
CA PHE B 52 17.07 24.11 -1.00
C PHE B 52 18.14 23.08 -1.34
N TYR B 53 17.79 21.79 -1.38
CA TYR B 53 18.76 20.75 -1.67
C TYR B 53 18.03 19.46 -2.02
N ILE B 54 18.58 18.71 -2.99
CA ILE B 54 18.11 17.37 -3.35
C ILE B 54 19.28 16.40 -3.29
N ASN B 55 19.03 15.25 -2.66
CA ASN B 55 20.01 14.19 -2.48
C ASN B 55 19.45 12.97 -3.21
N HIS B 56 20.19 12.42 -4.18
CA HIS B 56 19.62 11.46 -5.11
C HIS B 56 20.48 10.21 -5.26
N LEU B 57 19.79 9.08 -5.46
CA LEU B 57 20.38 7.84 -5.94
C LEU B 57 19.48 7.32 -7.05
N GLY B 58 20.04 6.99 -8.19
CA GLY B 58 19.26 6.41 -9.28
C GLY B 58 19.93 5.20 -9.87
N ARG B 59 19.15 4.16 -10.10
CA ARG B 59 19.58 3.08 -10.96
C ARG B 59 19.63 3.60 -12.40
N HIS B 60 20.53 3.02 -13.20
CA HIS B 60 20.54 3.28 -14.64
C HIS B 60 19.15 3.03 -15.21
N GLY B 61 18.84 3.71 -16.32
CA GLY B 61 17.61 3.45 -17.05
C GLY B 61 17.60 2.07 -17.70
N ALA B 62 16.45 1.76 -18.34
CA ALA B 62 16.26 0.52 -19.11
C ALA B 62 17.47 0.19 -19.99
N ARG B 63 17.82 -1.10 -20.02
CA ARG B 63 19.04 -1.55 -20.66
C ARG B 63 18.81 -2.84 -21.42
N PHE B 64 19.78 -3.16 -22.26
CA PHE B 64 19.86 -4.45 -22.93
C PHE B 64 20.22 -5.53 -21.91
N PRO B 65 19.90 -6.79 -22.21
CA PRO B 65 20.43 -7.90 -21.41
C PRO B 65 21.94 -7.76 -21.24
N THR B 66 22.42 -8.09 -20.04
CA THR B 66 23.85 -8.03 -19.77
C THR B 66 24.59 -9.23 -20.32
N SER B 67 23.88 -10.32 -20.58
CA SER B 67 24.51 -11.61 -20.85
C SER B 67 23.70 -12.36 -21.89
N ARG B 68 24.39 -12.97 -22.85
CA ARG B 68 23.78 -13.81 -23.88
C ARG B 68 23.50 -15.23 -23.41
N LYS B 69 23.75 -15.57 -22.14
CA LYS B 69 23.57 -16.94 -21.67
C LYS B 69 22.15 -17.45 -21.93
N ALA B 70 21.14 -16.67 -21.52
CA ALA B 70 19.76 -17.10 -21.66
C ALA B 70 19.37 -17.25 -23.13
N LEU B 71 19.74 -16.26 -23.96
CA LEU B 71 19.40 -16.33 -25.38
C LEU B 71 20.08 -17.53 -26.03
N ASP B 72 21.34 -17.80 -25.67
CA ASP B 72 22.02 -18.95 -26.25
C ASP B 72 21.37 -20.26 -25.85
N LYS B 73 20.93 -20.36 -24.59
CA LYS B 73 20.31 -21.60 -24.15
C LYS B 73 19.02 -21.85 -24.92
N VAL B 74 18.20 -20.80 -25.10
CA VAL B 74 16.97 -20.94 -25.87
C VAL B 74 17.31 -21.33 -27.31
N GLU B 75 18.26 -20.62 -27.92
CA GLU B 75 18.59 -20.87 -29.32
C GLU B 75 19.11 -22.28 -29.52
N LYS B 76 19.98 -22.75 -28.62
CA LYS B 76 20.57 -24.08 -28.80
C LYS B 76 19.52 -25.18 -28.71
N VAL B 77 18.52 -25.03 -27.85
CA VAL B 77 17.47 -26.03 -27.78
C VAL B 77 16.61 -25.99 -29.04
N LEU B 78 16.25 -24.79 -29.52
CA LEU B 78 15.42 -24.69 -30.71
C LEU B 78 16.17 -25.11 -31.97
N VAL B 79 17.44 -24.73 -32.10
CA VAL B 79 18.24 -25.13 -33.26
C VAL B 79 18.41 -26.64 -33.29
N SER B 80 18.66 -27.26 -32.14
CA SER B 80 18.88 -28.70 -32.11
C SER B 80 17.60 -29.47 -32.42
N ALA B 81 16.46 -28.99 -31.92
CA ALA B 81 15.19 -29.64 -32.28
C ALA B 81 14.90 -29.47 -33.76
N GLN B 82 15.18 -28.28 -34.32
CA GLN B 82 14.97 -28.07 -35.74
C GLN B 82 15.78 -29.05 -36.58
N GLN B 83 17.02 -29.29 -36.17
CA GLN B 83 17.90 -30.21 -36.91
C GLN B 83 17.40 -31.65 -36.91
N GLU B 84 16.57 -32.03 -35.93
CA GLU B 84 15.91 -33.33 -35.94
C GLU B 84 14.42 -33.23 -36.26
N ASN B 85 13.99 -32.11 -36.86
CA ASN B 85 12.61 -31.93 -37.32
C ASN B 85 11.64 -31.95 -36.14
N GLY B 86 12.09 -31.44 -35.00
CA GLY B 86 11.35 -31.58 -33.75
C GLY B 86 10.63 -30.35 -33.26
N LEU B 87 10.43 -29.33 -34.11
CA LEU B 87 9.80 -28.09 -33.70
C LEU B 87 8.34 -28.08 -34.14
N THR B 88 7.48 -27.52 -33.31
CA THR B 88 6.12 -27.24 -33.76
C THR B 88 6.15 -25.97 -34.62
N SER B 89 5.01 -25.70 -35.28
CA SER B 89 4.92 -24.42 -36.01
C SER B 89 5.23 -23.23 -35.11
N GLU B 90 4.72 -23.24 -33.87
CA GLU B 90 5.04 -22.14 -32.96
C GLU B 90 6.52 -22.13 -32.59
N GLY B 91 7.11 -23.31 -32.46
CA GLY B 91 8.54 -23.37 -32.21
C GLY B 91 9.34 -22.75 -33.36
N MET B 92 8.89 -22.96 -34.59
CA MET B 92 9.62 -22.39 -35.73
C MET B 92 9.53 -20.88 -35.71
N ALA B 93 8.36 -20.34 -35.41
CA ALA B 93 8.21 -18.89 -35.31
C ALA B 93 9.07 -18.34 -34.19
N LEU B 94 9.15 -19.05 -33.06
CA LEU B 94 9.96 -18.56 -31.95
C LEU B 94 11.44 -18.54 -32.34
N LEU B 95 11.91 -19.57 -33.03
CA LEU B 95 13.31 -19.61 -33.48
C LEU B 95 13.63 -18.46 -34.44
N SER B 96 12.74 -18.20 -35.40
CA SER B 96 12.95 -17.04 -36.28
C SER B 96 13.11 -15.76 -35.47
N MET B 97 12.31 -15.63 -34.42
CA MET B 97 12.34 -14.44 -33.59
C MET B 97 13.63 -14.38 -32.76
N ILE B 98 14.01 -15.53 -32.19
CA ILE B 98 15.25 -15.61 -31.40
C ILE B 98 16.45 -15.26 -32.27
N ARG B 99 16.43 -15.65 -33.55
CA ARG B 99 17.56 -15.34 -34.40
C ARG B 99 17.65 -13.84 -34.69
N ARG B 100 16.49 -13.17 -34.84
CA ARG B 100 16.51 -11.72 -34.99
C ARG B 100 17.04 -11.05 -33.74
N LEU B 101 16.61 -11.52 -32.56
CA LEU B 101 17.08 -10.92 -31.33
C LEU B 101 18.58 -11.07 -31.19
N SER B 102 19.12 -12.21 -31.63
CA SER B 102 20.55 -12.41 -31.56
C SER B 102 21.28 -11.39 -32.43
N ARG B 103 20.73 -11.07 -33.60
CA ARG B 103 21.32 -10.02 -34.44
C ARG B 103 21.20 -8.66 -33.77
N LEU B 104 20.03 -8.34 -33.23
CA LEU B 104 19.78 -7.01 -32.66
C LEU B 104 20.46 -6.82 -31.31
N PHE B 105 20.71 -7.89 -30.57
CA PHE B 105 21.44 -7.75 -29.31
C PHE B 105 22.95 -7.68 -29.55
N ASP B 106 23.39 -8.09 -30.73
CA ASP B 106 24.81 -8.20 -31.04
C ASP B 106 25.52 -6.88 -30.84
N GLY B 107 26.57 -6.88 -30.00
CA GLY B 107 27.32 -5.67 -29.73
C GLY B 107 26.70 -4.74 -28.72
N GLN B 108 25.48 -5.01 -28.25
CA GLN B 108 24.74 -4.06 -27.44
C GLN B 108 24.65 -4.48 -25.97
N TRP B 109 25.28 -5.61 -25.61
CA TRP B 109 25.07 -6.19 -24.29
C TRP B 109 25.35 -5.18 -23.18
N GLY B 110 24.43 -5.10 -22.23
CA GLY B 110 24.58 -4.24 -21.09
C GLY B 110 24.33 -2.77 -21.36
N LYS B 111 24.06 -2.36 -22.61
CA LYS B 111 23.98 -0.93 -22.91
C LYS B 111 22.68 -0.32 -22.43
N LEU B 112 22.74 0.96 -22.07
CA LEU B 112 21.53 1.76 -21.90
C LEU B 112 20.80 1.85 -23.23
N SER B 113 19.49 1.60 -23.21
CA SER B 113 18.71 1.69 -24.44
C SER B 113 18.17 3.10 -24.62
N LYS B 114 17.58 3.34 -25.80
CA LYS B 114 16.93 4.62 -26.04
C LYS B 114 15.84 4.91 -25.01
N LEU B 115 15.07 3.87 -24.62
CA LEU B 115 14.10 4.03 -23.54
C LEU B 115 14.78 4.39 -22.24
N GLY B 116 15.91 3.77 -21.92
CA GLY B 116 16.63 4.11 -20.71
C GLY B 116 17.06 5.57 -20.70
N GLU B 117 17.49 6.08 -21.85
CA GLU B 117 17.80 7.50 -21.99
C GLU B 117 16.57 8.38 -21.75
N THR B 118 15.45 8.05 -22.40
CA THR B 118 14.24 8.86 -22.22
C THR B 118 13.72 8.78 -20.78
N GLU B 119 13.94 7.66 -20.08
CA GLU B 119 13.55 7.58 -18.67
C GLU B 119 14.31 8.60 -17.85
N GLN B 120 15.63 8.70 -18.05
CA GLN B 120 16.41 9.65 -17.27
C GLN B 120 16.03 11.08 -17.63
N GLU B 121 15.78 11.32 -18.91
CA GLU B 121 15.36 12.66 -19.31
C GLU B 121 14.05 13.04 -18.67
N GLY B 122 13.15 12.07 -18.49
CA GLY B 122 11.89 12.37 -17.82
C GLY B 122 12.08 12.65 -16.34
N ILE B 123 12.95 11.91 -15.67
CA ILE B 123 13.15 12.14 -14.24
C ILE B 123 13.80 13.50 -13.99
N ALA B 124 14.84 13.82 -14.75
CA ALA B 124 15.46 15.14 -14.67
C ALA B 124 14.48 16.24 -15.08
N GLY B 125 13.71 16.01 -16.14
CA GLY B 125 12.79 17.03 -16.61
C GLY B 125 11.70 17.35 -15.60
N ARG B 126 11.17 16.31 -14.95
CA ARG B 126 10.13 16.56 -13.93
C ARG B 126 10.71 17.22 -12.69
N MET B 127 11.93 16.83 -12.31
CA MET B 127 12.66 17.53 -11.24
C MET B 127 12.76 19.01 -11.53
N ILE B 128 13.21 19.35 -12.74
CA ILE B 128 13.45 20.75 -13.13
C ILE B 128 12.14 21.53 -13.15
N ARG B 129 11.07 20.90 -13.64
CA ARG B 129 9.76 21.56 -13.66
C ARG B 129 9.21 21.71 -12.24
N ASN B 130 9.41 20.73 -11.37
CA ASN B 130 8.83 20.81 -10.03
C ASN B 130 9.59 21.81 -9.15
N TYR B 131 10.90 21.91 -9.31
CA TYR B 131 11.74 22.71 -8.41
C TYR B 131 12.61 23.65 -9.20
N PRO B 132 12.02 24.53 -10.02
CA PRO B 132 12.84 25.35 -10.93
C PRO B 132 13.79 26.28 -10.21
N GLN B 133 13.40 26.83 -9.05
CA GLN B 133 14.28 27.76 -8.36
C GLN B 133 15.54 27.09 -7.87
N LEU B 134 15.46 25.80 -7.58
CA LEU B 134 16.64 25.09 -7.12
C LEU B 134 17.72 25.04 -8.19
N PHE B 135 17.33 24.97 -9.46
CA PHE B 135 18.27 24.79 -10.56
C PHE B 135 18.39 26.02 -11.44
N SER B 136 18.12 27.20 -10.90
CA SER B 136 18.18 28.43 -11.63
C SER B 136 19.51 29.14 -11.40
N ASN B 137 19.77 30.15 -12.23
CA ASN B 137 20.94 31.04 -12.09
C ASN B 137 22.20 30.16 -12.09
N SER B 138 23.13 30.37 -11.17
CA SER B 138 24.36 29.58 -11.22
C SER B 138 24.37 28.50 -10.15
N ALA B 139 23.29 27.72 -10.05
CA ALA B 139 23.24 26.64 -9.08
C ALA B 139 24.34 25.61 -9.36
N LYS B 140 24.80 24.96 -8.29
CA LYS B 140 25.90 24.01 -8.34
C LYS B 140 25.38 22.59 -8.12
N ILE B 141 25.74 21.68 -9.02
CA ILE B 141 25.31 20.30 -8.86
C ILE B 141 26.51 19.39 -9.09
N GLU B 142 26.45 18.22 -8.45
CA GLU B 142 27.48 17.21 -8.58
C GLU B 142 26.80 15.88 -8.87
N ALA B 143 27.38 15.12 -9.78
CA ALA B 143 26.90 13.78 -10.08
C ALA B 143 28.09 12.82 -10.08
N ILE B 144 27.84 11.62 -9.55
CA ILE B 144 28.77 10.51 -9.64
C ILE B 144 28.06 9.30 -10.22
N ALA B 145 28.87 8.39 -10.78
CA ALA B 145 28.34 7.14 -11.32
C ALA B 145 29.35 6.03 -11.06
N THR B 146 28.90 4.78 -11.21
CA THR B 146 29.86 3.68 -11.11
C THR B 146 30.71 3.65 -12.37
N TYR B 147 31.65 2.70 -12.45
CA TYR B 147 32.41 2.52 -13.68
C TYR B 147 31.59 1.88 -14.80
N VAL B 148 30.40 1.38 -14.54
CA VAL B 148 29.67 0.59 -15.54
C VAL B 148 29.09 1.54 -16.59
N PRO B 149 29.30 1.26 -17.88
CA PRO B 149 28.89 2.23 -18.91
C PRO B 149 27.42 2.62 -18.88
N ARG B 150 26.49 1.70 -18.58
CA ARG B 150 25.08 2.11 -18.62
C ARG B 150 24.75 3.12 -17.53
N SER B 151 25.45 3.06 -16.40
CA SER B 151 25.23 4.02 -15.33
C SER B 151 25.87 5.36 -15.66
N ILE B 152 27.05 5.33 -16.29
CA ILE B 152 27.65 6.58 -16.78
C ILE B 152 26.76 7.22 -17.84
N ASN B 153 26.28 6.42 -18.80
CA ASN B 153 25.39 6.97 -19.83
C ASN B 153 24.08 7.49 -19.23
N SER B 154 23.58 6.84 -18.15
CA SER B 154 22.38 7.37 -17.51
C SER B 154 22.66 8.71 -16.85
N MET B 155 23.80 8.82 -16.17
CA MET B 155 24.22 10.10 -15.61
C MET B 155 24.27 11.18 -16.69
N ASP B 156 24.86 10.87 -17.84
CA ASP B 156 25.02 11.87 -18.90
C ASP B 156 23.69 12.23 -19.54
N ALA B 157 22.79 11.27 -19.71
CA ALA B 157 21.45 11.62 -20.19
C ALA B 157 20.76 12.59 -19.24
N PHE B 158 20.92 12.35 -17.94
CA PHE B 158 20.32 13.19 -16.91
C PHE B 158 20.96 14.58 -16.89
N LEU B 159 22.29 14.64 -16.87
CA LEU B 159 22.98 15.93 -16.82
C LEU B 159 22.77 16.74 -18.09
N SER B 160 22.66 16.11 -19.26
CA SER B 160 22.43 16.90 -20.46
C SER B 160 21.10 17.63 -20.38
N CYS B 161 20.08 16.96 -19.83
CA CYS B 161 18.80 17.62 -19.62
CA CYS B 161 18.79 17.61 -19.59
C CYS B 161 18.95 18.84 -18.71
N MET B 162 19.64 18.66 -17.58
CA MET B 162 19.95 19.75 -16.67
C MET B 162 20.58 20.92 -17.41
N ILE B 163 21.65 20.64 -18.15
CA ILE B 163 22.45 21.71 -18.74
C ILE B 163 21.69 22.38 -19.87
N ARG B 164 20.94 21.60 -20.66
CA ARG B 164 20.14 22.20 -21.72
C ARG B 164 19.08 23.15 -21.15
N HIS B 165 18.47 22.80 -20.00
CA HIS B 165 17.50 23.69 -19.39
C HIS B 165 18.18 24.94 -18.82
N ASN B 166 19.35 24.79 -18.19
CA ASN B 166 20.09 25.95 -17.66
C ASN B 166 21.58 25.78 -17.87
N PRO B 167 22.13 26.35 -18.95
CA PRO B 167 23.57 26.23 -19.20
C PRO B 167 24.45 26.93 -18.17
N ALA B 168 23.89 27.76 -17.28
CA ALA B 168 24.69 28.47 -16.30
C ALA B 168 24.88 27.66 -15.03
N LEU B 169 24.34 26.44 -14.96
CA LEU B 169 24.66 25.53 -13.87
C LEU B 169 26.16 25.29 -13.80
N GLN B 170 26.66 25.11 -12.59
CA GLN B 170 28.02 24.64 -12.36
C GLN B 170 27.91 23.14 -12.13
N VAL B 171 28.69 22.33 -12.87
CA VAL B 171 28.49 20.89 -12.87
C VAL B 171 29.80 20.17 -12.59
N GLN B 172 29.79 19.28 -11.62
CA GLN B 172 30.93 18.42 -11.35
C GLN B 172 30.48 16.99 -11.67
N ARG B 173 31.24 16.30 -12.53
CA ARG B 173 30.84 15.00 -13.06
C ARG B 173 31.99 14.01 -12.84
N SER B 174 31.72 12.89 -12.18
CA SER B 174 32.81 11.95 -12.02
C SER B 174 32.25 10.54 -11.86
N GLU B 175 33.14 9.57 -12.02
CA GLU B 175 32.65 8.18 -12.00
C GLU B 175 33.83 7.24 -11.84
N GLY B 176 33.51 6.00 -11.47
CA GLY B 176 34.55 5.00 -11.50
C GLY B 176 34.58 4.08 -10.30
N LYS B 177 35.55 3.16 -10.30
CA LYS B 177 35.69 2.21 -9.22
C LYS B 177 36.01 2.88 -7.89
N GLN B 178 36.49 4.13 -7.92
CA GLN B 178 36.71 4.89 -6.69
CA GLN B 178 36.70 4.91 -6.70
C GLN B 178 35.43 4.99 -5.86
N TYR B 179 34.26 4.86 -6.47
CA TYR B 179 32.99 4.94 -5.75
C TYR B 179 32.41 3.56 -5.44
N ASN B 180 33.18 2.49 -5.67
CA ASN B 180 32.68 1.15 -5.37
C ASN B 180 32.26 1.02 -3.92
N HIS B 181 32.98 1.68 -3.01
CA HIS B 181 32.67 1.51 -1.58
C HIS B 181 31.29 2.04 -1.21
N ILE B 182 30.74 3.01 -1.96
CA ILE B 182 29.40 3.51 -1.66
C ILE B 182 28.36 3.12 -2.69
N LEU B 183 28.75 2.74 -3.91
CA LEU B 183 27.78 2.41 -4.95
C LEU B 183 27.78 0.95 -5.35
N ARG B 184 28.85 0.20 -5.07
CA ARG B 184 28.91 -1.22 -5.37
C ARG B 184 29.44 -1.98 -4.17
N PHE B 185 28.94 -1.61 -2.98
CA PHE B 185 29.36 -2.28 -1.76
C PHE B 185 29.02 -3.76 -1.78
N PHE B 186 28.07 -4.16 -2.62
CA PHE B 186 27.68 -5.56 -2.73
C PHE B 186 28.75 -6.42 -3.38
N ASP B 187 29.74 -5.81 -4.04
CA ASP B 187 30.89 -6.54 -4.56
C ASP B 187 32.07 -6.57 -3.61
N LEU B 188 32.03 -5.81 -2.52
CA LEU B 188 33.22 -5.62 -1.69
C LEU B 188 33.21 -6.38 -0.38
N ASN B 189 32.03 -6.68 0.17
CA ASN B 189 31.92 -7.36 1.46
C ASN B 189 32.07 -8.85 1.23
N LYS B 190 33.17 -9.43 1.74
CA LYS B 190 33.43 -10.86 1.55
C LYS B 190 32.29 -11.72 2.08
N SER B 191 31.85 -11.46 3.31
CA SER B 191 30.74 -12.21 3.89
C SER B 191 29.51 -12.17 2.99
N TYR B 192 29.13 -10.97 2.52
CA TYR B 192 27.96 -10.88 1.66
C TYR B 192 28.17 -11.63 0.36
N VAL B 193 29.34 -11.45 -0.28
CA VAL B 193 29.62 -12.12 -1.55
C VAL B 193 29.50 -13.63 -1.39
N ASN B 194 29.97 -14.15 -0.25
CA ASN B 194 29.85 -15.58 0.02
C ASN B 194 28.40 -16.00 0.17
N TYR B 195 27.61 -15.19 0.90
CA TYR B 195 26.18 -15.45 1.01
C TYR B 195 25.48 -15.40 -0.35
N LYS B 196 25.77 -14.36 -1.13
CA LYS B 196 25.15 -14.22 -2.45
C LYS B 196 25.44 -15.43 -3.33
N GLU B 197 26.67 -15.95 -3.26
CA GLU B 197 27.08 -17.04 -4.13
C GLU B 197 26.69 -18.41 -3.59
N LYS B 198 26.79 -18.61 -2.28
CA LYS B 198 26.53 -19.96 -1.79
C LYS B 198 25.85 -19.96 -0.42
N GLY B 199 25.02 -18.96 -0.14
CA GLY B 199 24.33 -18.88 1.13
C GLY B 199 23.06 -19.72 1.17
N ASP B 200 22.44 -19.71 2.35
CA ASP B 200 21.32 -20.60 2.67
C ASP B 200 20.05 -20.26 1.90
N TRP B 201 20.03 -19.16 1.15
CA TRP B 201 18.86 -18.81 0.38
C TRP B 201 18.71 -19.65 -0.88
N LEU B 202 19.80 -20.20 -1.40
CA LEU B 202 19.73 -20.92 -2.66
C LEU B 202 18.88 -22.18 -2.61
N PRO B 203 19.02 -23.04 -1.57
CA PRO B 203 18.09 -24.18 -1.46
C PRO B 203 16.63 -23.76 -1.44
N ILE B 204 16.33 -22.65 -0.76
CA ILE B 204 14.95 -22.17 -0.69
C ILE B 204 14.48 -21.74 -2.07
N TYR B 205 15.32 -20.99 -2.78
CA TYR B 205 14.95 -20.49 -4.10
C TYR B 205 14.72 -21.65 -5.08
N LYS B 206 15.62 -22.62 -5.09
CA LYS B 206 15.52 -23.71 -6.06
C LYS B 206 14.27 -24.55 -5.81
N ALA B 207 13.95 -24.82 -4.54
CA ALA B 207 12.73 -25.56 -4.24
C ALA B 207 11.49 -24.76 -4.61
N PHE B 208 11.54 -23.45 -4.43
CA PHE B 208 10.41 -22.58 -4.77
C PHE B 208 10.18 -22.59 -6.28
N VAL B 209 11.26 -22.56 -7.06
CA VAL B 209 11.12 -22.62 -8.52
C VAL B 209 10.53 -23.96 -8.94
N HIS B 210 11.03 -25.06 -8.37
CA HIS B 210 10.50 -26.37 -8.71
CA HIS B 210 10.50 -26.37 -8.71
C HIS B 210 9.01 -26.47 -8.42
N LYS B 211 8.55 -25.81 -7.36
CA LYS B 211 7.14 -25.84 -7.00
C LYS B 211 6.31 -24.99 -7.94
N LYS B 212 6.82 -23.81 -8.31
CA LYS B 212 6.04 -22.80 -9.00
C LYS B 212 6.02 -22.96 -10.51
N ILE B 213 7.08 -23.50 -11.09
CA ILE B 213 7.26 -23.51 -12.53
C ILE B 213 7.09 -24.93 -13.04
N SER B 214 6.08 -25.14 -13.88
CA SER B 214 5.91 -26.40 -14.57
CA SER B 214 5.93 -26.41 -14.57
C SER B 214 6.38 -26.24 -16.01
N PRO B 215 7.55 -26.75 -16.39
CA PRO B 215 8.06 -26.48 -17.75
C PRO B 215 7.39 -27.28 -18.85
N VAL B 216 6.80 -28.44 -18.54
CA VAL B 216 6.30 -29.31 -19.61
C VAL B 216 5.23 -28.65 -20.45
N PRO B 217 4.21 -27.97 -19.88
CA PRO B 217 3.22 -27.31 -20.75
C PRO B 217 3.85 -26.31 -21.70
N ILE B 218 4.86 -25.57 -21.25
CA ILE B 218 5.50 -24.58 -22.10
C ILE B 218 6.27 -25.27 -23.23
N MET B 219 6.98 -26.35 -22.92
CA MET B 219 7.80 -26.98 -23.95
C MET B 219 6.94 -27.66 -25.02
N LYS B 220 5.79 -28.21 -24.64
CA LYS B 220 4.87 -28.78 -25.62
C LYS B 220 4.45 -27.75 -26.66
N LYS B 221 4.40 -26.48 -26.26
CA LYS B 221 4.07 -25.40 -27.20
C LYS B 221 5.04 -25.38 -28.38
N PHE B 222 6.33 -25.59 -28.11
CA PHE B 222 7.39 -25.34 -29.08
C PHE B 222 8.08 -26.57 -29.62
N LEU B 223 8.07 -27.69 -28.91
CA LEU B 223 8.81 -28.88 -29.30
C LEU B 223 7.88 -30.07 -29.44
N LEU B 224 8.04 -30.82 -30.53
CA LEU B 224 7.46 -32.16 -30.61
C LEU B 224 8.29 -33.07 -29.71
N ASN B 225 7.62 -33.75 -28.77
CA ASN B 225 8.25 -34.64 -27.80
C ASN B 225 9.12 -33.88 -26.81
N PRO B 226 8.52 -33.06 -25.93
CA PRO B 226 9.32 -32.49 -24.84
C PRO B 226 9.80 -33.53 -23.84
N GLU B 227 9.26 -34.76 -23.90
CA GLU B 227 9.58 -35.79 -22.92
C GLU B 227 11.07 -36.16 -22.98
N GLN B 228 11.65 -36.13 -24.18
CA GLN B 228 13.05 -36.50 -24.35
C GLN B 228 14.01 -35.56 -23.65
N TYR B 229 13.48 -34.56 -22.93
CA TYR B 229 14.28 -33.65 -22.12
C TYR B 229 14.08 -33.98 -20.65
N LEU B 230 15.15 -33.93 -19.89
CA LEU B 230 15.04 -34.13 -18.45
C LEU B 230 14.44 -32.90 -17.80
N ASP B 231 13.90 -33.08 -16.59
CA ASP B 231 13.33 -31.94 -15.85
C ASP B 231 14.36 -30.84 -15.66
N LYS B 232 15.63 -31.19 -15.50
CA LYS B 232 16.68 -30.20 -15.26
C LYS B 232 16.85 -29.27 -16.45
N GLU B 233 16.97 -29.85 -17.65
CA GLU B 233 17.16 -29.06 -18.86
C GLU B 233 15.87 -28.35 -19.26
N ALA B 234 14.73 -29.01 -19.09
CA ALA B 234 13.45 -28.38 -19.39
C ALA B 234 13.26 -27.11 -18.56
N GLU B 235 13.57 -27.20 -17.26
CA GLU B 235 13.39 -26.03 -16.40
C GLU B 235 14.40 -24.95 -16.74
N GLU B 236 15.63 -25.36 -17.11
CA GLU B 236 16.61 -24.38 -17.57
C GLU B 236 16.16 -23.69 -18.84
N PHE B 237 15.57 -24.44 -19.78
CA PHE B 237 15.09 -23.82 -21.02
C PHE B 237 14.00 -22.80 -20.73
N VAL B 238 13.02 -23.17 -19.91
CA VAL B 238 11.89 -22.29 -19.66
C VAL B 238 12.34 -21.03 -18.92
N MET B 239 13.22 -21.19 -17.93
CA MET B 239 13.66 -20.03 -17.17
C MET B 239 14.47 -19.07 -18.04
N ALA B 240 15.19 -19.60 -19.02
CA ALA B 240 15.90 -18.75 -19.97
C ALA B 240 14.93 -18.01 -20.88
N LEU B 241 13.92 -18.71 -21.37
CA LEU B 241 12.92 -18.06 -22.23
C LEU B 241 12.20 -16.96 -21.47
N PHE B 242 11.81 -17.20 -20.21
CA PHE B 242 11.23 -16.13 -19.40
C PHE B 242 12.16 -14.93 -19.33
N SER B 243 13.46 -15.18 -19.14
CA SER B 243 14.42 -14.08 -18.99
CA SER B 243 14.38 -14.06 -18.98
C SER B 243 14.55 -13.28 -20.29
N VAL B 244 14.58 -13.97 -21.43
CA VAL B 244 14.65 -13.26 -22.70
C VAL B 244 13.42 -12.37 -22.88
N ALA B 245 12.24 -12.95 -22.62
CA ALA B 245 10.98 -12.22 -22.79
C ALA B 245 10.89 -11.03 -21.83
N ALA B 246 11.40 -11.19 -20.60
CA ALA B 246 11.25 -10.13 -19.59
C ALA B 246 12.07 -8.90 -19.92
N ILE B 247 13.24 -9.07 -20.56
CA ILE B 247 14.09 -7.91 -20.78
C ILE B 247 13.72 -7.19 -22.07
N LEU B 248 13.03 -7.87 -22.99
CA LEU B 248 12.79 -7.29 -24.31
C LEU B 248 12.12 -5.91 -24.26
N PRO B 249 11.12 -5.64 -23.40
CA PRO B 249 10.55 -4.29 -23.34
C PRO B 249 11.54 -3.19 -22.90
N ASP B 250 12.73 -3.54 -22.42
CA ASP B 250 13.67 -2.53 -21.98
C ASP B 250 14.64 -2.11 -23.09
N THR B 251 14.56 -2.72 -24.27
CA THR B 251 15.62 -2.61 -25.26
C THR B 251 15.30 -1.64 -26.39
N SER B 252 14.08 -1.10 -26.45
CA SER B 252 13.59 -0.28 -27.55
C SER B 252 13.49 -1.03 -28.87
N ILE B 253 13.60 -2.35 -28.85
CA ILE B 253 13.35 -3.16 -30.05
C ILE B 253 11.86 -3.37 -30.22
N PRO B 254 11.26 -3.12 -31.41
CA PRO B 254 9.82 -3.23 -31.61
C PRO B 254 9.32 -4.67 -31.71
N LEU B 255 9.72 -5.50 -30.74
CA LEU B 255 9.32 -6.89 -30.67
C LEU B 255 8.90 -7.22 -29.25
N ASN B 256 8.08 -8.25 -29.12
CA ASN B 256 7.54 -8.53 -27.79
C ASN B 256 7.15 -10.00 -27.71
N LEU B 257 7.48 -10.62 -26.57
CA LEU B 257 7.26 -12.05 -26.37
C LEU B 257 6.39 -12.37 -25.16
N GLU B 258 5.54 -11.43 -24.68
CA GLU B 258 4.78 -11.72 -23.47
C GLU B 258 3.79 -12.86 -23.70
N ASP B 259 3.22 -12.95 -24.91
CA ASP B 259 2.21 -13.94 -25.20
C ASP B 259 2.77 -15.34 -25.39
N LEU B 260 4.08 -15.55 -25.22
CA LEU B 260 4.58 -16.92 -25.13
C LEU B 260 4.06 -17.63 -23.90
N PHE B 261 3.61 -16.88 -22.88
CA PHE B 261 3.19 -17.45 -21.60
C PHE B 261 1.82 -16.92 -21.21
N THR B 262 1.09 -17.73 -20.44
CA THR B 262 -0.17 -17.25 -19.88
C THR B 262 0.11 -16.25 -18.75
N LEU B 263 -0.90 -15.43 -18.43
CA LEU B 263 -0.72 -14.48 -17.34
C LEU B 263 -0.42 -15.17 -16.02
N ASP B 264 -1.02 -16.35 -15.80
CA ASP B 264 -0.70 -17.09 -14.58
C ASP B 264 0.73 -17.61 -14.59
N GLU B 265 1.24 -18.02 -15.75
CA GLU B 265 2.64 -18.44 -15.81
C GLU B 265 3.59 -17.28 -15.53
N TRP B 266 3.29 -16.09 -16.05
CA TRP B 266 4.08 -14.91 -15.75
C TRP B 266 4.04 -14.60 -14.26
N HIS B 267 2.85 -14.73 -13.66
CA HIS B 267 2.68 -14.48 -12.24
C HIS B 267 3.60 -15.38 -11.41
N ARG B 268 3.61 -16.69 -11.74
CA ARG B 268 4.47 -17.62 -11.01
C ARG B 268 5.94 -17.32 -11.24
N TYR B 269 6.33 -17.02 -12.48
CA TYR B 269 7.72 -16.65 -12.73
C TYR B 269 8.11 -15.42 -11.93
N TRP B 270 7.26 -14.38 -11.92
CA TRP B 270 7.58 -13.19 -11.15
C TRP B 270 7.72 -13.53 -9.67
N GLN B 271 6.86 -14.41 -9.14
CA GLN B 271 6.98 -14.75 -7.73
C GLN B 271 8.35 -15.35 -7.41
N THR B 272 8.85 -16.24 -8.28
CA THR B 272 10.15 -16.84 -8.00
C THR B 272 11.28 -15.80 -8.09
N GLN B 273 11.19 -14.86 -9.02
CA GLN B 273 12.28 -13.88 -9.15
C GLN B 273 12.21 -12.81 -8.06
N ASN B 274 10.98 -12.47 -7.65
CA ASN B 274 10.78 -11.59 -6.51
C ASN B 274 11.38 -12.22 -5.26
N LEU B 275 11.13 -13.52 -5.04
CA LEU B 275 11.71 -14.18 -3.89
C LEU B 275 13.23 -14.17 -3.95
N ARG B 276 13.79 -14.42 -5.13
CA ARG B 276 15.25 -14.43 -5.23
C ARG B 276 15.83 -13.06 -4.89
N GLN B 277 15.20 -11.98 -5.37
CA GLN B 277 15.68 -10.63 -5.03
C GLN B 277 15.54 -10.38 -3.53
N TYR B 278 14.41 -10.75 -2.95
CA TYR B 278 14.15 -10.52 -1.52
C TYR B 278 15.20 -11.20 -0.65
N MET B 279 15.51 -12.45 -0.98
CA MET B 279 16.36 -13.28 -0.13
C MET B 279 17.83 -12.93 -0.31
N SER B 280 18.25 -12.61 -1.52
CA SER B 280 19.67 -12.38 -1.79
C SER B 280 20.07 -10.93 -1.62
N LYS B 281 19.12 -10.00 -1.59
CA LYS B 281 19.44 -8.59 -1.61
C LYS B 281 18.74 -7.76 -0.54
N SER B 282 17.78 -8.32 0.20
CA SER B 282 16.98 -7.49 1.09
C SER B 282 16.88 -8.11 2.48
N SER B 283 15.76 -7.87 3.17
CA SER B 283 15.65 -8.14 4.60
C SER B 283 15.09 -9.54 4.94
N ALA B 284 15.20 -10.51 4.04
CA ALA B 284 14.72 -11.86 4.34
C ALA B 284 15.39 -12.41 5.59
N PRO B 285 14.64 -13.09 6.47
CA PRO B 285 15.24 -13.69 7.67
C PRO B 285 16.41 -14.62 7.37
N VAL B 286 16.36 -15.35 6.25
CA VAL B 286 17.46 -16.27 5.92
C VAL B 286 18.77 -15.49 5.72
N GLY B 287 18.68 -14.22 5.32
CA GLY B 287 19.89 -13.42 5.17
C GLY B 287 20.41 -12.75 6.42
N LYS B 288 19.63 -12.77 7.51
CA LYS B 288 20.01 -12.19 8.81
C LYS B 288 20.41 -10.73 8.70
N MET B 289 19.77 -9.98 7.80
CA MET B 289 20.06 -8.57 7.51
C MET B 289 21.45 -8.29 6.92
N LEU B 290 22.27 -9.29 6.67
CA LEU B 290 23.53 -9.07 5.95
C LEU B 290 23.35 -8.38 4.60
N PRO B 291 22.38 -8.74 3.75
CA PRO B 291 22.25 -8.04 2.46
C PRO B 291 21.91 -6.56 2.61
N VAL B 292 21.30 -6.17 3.73
CA VAL B 292 20.89 -4.79 3.94
C VAL B 292 21.97 -3.98 4.64
N ALA B 293 22.65 -4.60 5.60
CA ALA B 293 23.66 -3.91 6.41
C ALA B 293 24.80 -3.37 5.56
N ILE B 294 25.14 -4.03 4.45
CA ILE B 294 26.27 -3.61 3.63
C ILE B 294 26.06 -2.24 3.00
N ALA B 295 24.83 -1.75 2.95
CA ALA B 295 24.56 -0.45 2.35
C ALA B 295 24.84 0.72 3.28
N TRP B 296 25.29 0.49 4.51
CA TRP B 296 25.44 1.61 5.43
C TRP B 296 26.40 2.67 4.95
N PRO B 297 27.52 2.37 4.25
CA PRO B 297 28.34 3.48 3.75
C PRO B 297 27.58 4.43 2.86
N LEU B 298 26.60 3.94 2.09
CA LEU B 298 25.88 4.87 1.22
C LEU B 298 24.90 5.72 2.00
N LEU B 299 24.24 5.14 3.00
CA LEU B 299 23.37 5.95 3.85
C LEU B 299 24.18 6.99 4.62
N SER B 300 25.35 6.60 5.11
CA SER B 300 26.20 7.56 5.81
C SER B 300 26.62 8.69 4.87
N GLU B 301 26.90 8.37 3.61
CA GLU B 301 27.32 9.41 2.68
C GLU B 301 26.16 10.33 2.30
N PHE B 302 24.94 9.80 2.25
CA PHE B 302 23.76 10.65 2.05
C PHE B 302 23.63 11.66 3.18
N ILE B 303 23.77 11.20 4.42
CA ILE B 303 23.64 12.10 5.56
C ILE B 303 24.75 13.13 5.55
N ARG B 304 25.98 12.70 5.25
CA ARG B 304 27.11 13.62 5.21
C ARG B 304 26.89 14.74 4.19
N SER B 305 26.48 14.40 2.97
CA SER B 305 26.37 15.46 1.96
C SER B 305 25.26 16.45 2.31
N ALA B 306 24.18 15.99 2.95
CA ALA B 306 23.14 16.92 3.37
C ALA B 306 23.58 17.75 4.58
N GLN B 307 24.26 17.12 5.55
CA GLN B 307 24.78 17.88 6.69
C GLN B 307 25.76 18.97 6.24
N GLU B 308 26.59 18.67 5.23
CA GLU B 308 27.56 19.67 4.79
C GLU B 308 26.88 20.85 4.09
N VAL B 309 25.76 20.60 3.40
CA VAL B 309 25.02 21.69 2.80
C VAL B 309 24.26 22.48 3.86
N ILE B 310 23.69 21.80 4.85
CA ILE B 310 22.96 22.49 5.90
C ILE B 310 23.89 23.38 6.72
N SER B 311 25.08 22.88 7.01
CA SER B 311 26.06 23.63 7.81
C SER B 311 26.73 24.76 7.03
N GLY B 312 26.64 24.76 5.71
CA GLY B 312 27.37 25.73 4.91
C GLY B 312 28.75 25.28 4.48
N LYS B 313 29.20 24.11 4.93
CA LYS B 313 30.50 23.63 4.48
C LYS B 313 30.50 23.38 2.98
N SER B 314 29.37 22.95 2.44
CA SER B 314 29.21 22.68 1.02
C SER B 314 28.16 23.61 0.44
N ASP B 315 28.32 23.96 -0.83
CA ASP B 315 27.40 24.91 -1.44
C ASP B 315 26.60 24.28 -2.58
N TYR B 316 26.52 22.95 -2.63
CA TYR B 316 25.79 22.28 -3.69
C TYR B 316 24.28 22.44 -3.51
N GLN B 317 23.56 22.52 -4.64
CA GLN B 317 22.12 22.46 -4.60
C GLN B 317 21.59 21.06 -4.82
N ALA B 318 22.41 20.16 -5.37
CA ALA B 318 21.99 18.77 -5.50
C ALA B 318 23.20 17.88 -5.62
N ASN B 319 23.04 16.65 -5.13
CA ASN B 319 24.01 15.57 -5.33
C ASN B 319 23.26 14.43 -6.00
N PHE B 320 23.73 14.00 -7.16
CA PHE B 320 23.14 12.91 -7.91
C PHE B 320 24.10 11.73 -7.97
N ARG B 321 23.55 10.51 -7.96
CA ARG B 321 24.36 9.30 -7.91
C ARG B 321 23.71 8.25 -8.80
N PHE B 322 24.48 7.67 -9.72
CA PHE B 322 23.95 6.71 -10.66
C PHE B 322 24.59 5.35 -10.50
N ALA B 323 23.75 4.33 -10.27
CA ALA B 323 24.28 3.03 -9.90
C ALA B 323 23.29 1.94 -10.36
N HIS B 324 22.91 1.03 -9.45
CA HIS B 324 22.38 -0.28 -9.83
C HIS B 324 21.25 -0.72 -8.91
N ALA B 325 20.47 -1.70 -9.40
CA ALA B 325 19.44 -2.27 -8.54
C ALA B 325 20.03 -2.83 -7.25
N ASN B 326 21.20 -3.47 -7.34
CA ASN B 326 21.87 -4.01 -6.16
C ASN B 326 22.33 -2.91 -5.21
N THR B 327 22.37 -1.66 -5.69
CA THR B 327 22.58 -0.51 -4.82
C THR B 327 21.27 -0.08 -4.18
N VAL B 328 20.22 0.05 -4.99
CA VAL B 328 18.95 0.65 -4.53
C VAL B 328 18.26 -0.24 -3.52
N ILE B 329 18.18 -1.55 -3.79
CA ILE B 329 17.32 -2.42 -2.98
C ILE B 329 17.76 -2.44 -1.51
N PRO B 330 19.02 -2.75 -1.17
CA PRO B 330 19.39 -2.69 0.25
C PRO B 330 19.42 -1.29 0.81
N PHE B 331 19.68 -0.25 -0.01
CA PHE B 331 19.66 1.11 0.52
C PHE B 331 18.28 1.49 0.99
N VAL B 332 17.26 1.12 0.22
CA VAL B 332 15.88 1.42 0.58
C VAL B 332 15.49 0.68 1.85
N SER B 333 15.86 -0.60 1.95
CA SER B 333 15.55 -1.37 3.15
C SER B 333 16.29 -0.82 4.37
N LEU B 334 17.53 -0.35 4.18
CA LEU B 334 18.25 0.20 5.32
C LEU B 334 17.64 1.53 5.75
N MET B 335 17.12 2.33 4.82
CA MET B 335 16.35 3.52 5.22
C MET B 335 15.12 3.15 6.03
N GLY B 336 14.62 1.93 5.89
CA GLY B 336 13.42 1.54 6.60
C GLY B 336 12.15 2.06 5.98
N ILE B 337 12.17 2.36 4.68
CA ILE B 337 10.94 2.77 4.01
C ILE B 337 9.91 1.68 4.18
N GLU B 338 8.71 2.07 4.62
CA GLU B 338 7.70 1.10 5.01
C GLU B 338 7.35 0.16 3.85
N LYS B 339 7.21 -1.12 4.21
CA LYS B 339 7.12 -2.31 3.37
C LYS B 339 8.49 -2.88 3.01
N THR B 340 9.47 -2.02 2.73
CA THR B 340 10.66 -2.48 2.02
C THR B 340 11.64 -3.24 2.91
N ASP B 341 11.48 -3.19 4.24
CA ASP B 341 12.38 -3.90 5.15
C ASP B 341 11.65 -4.99 5.93
N VAL B 342 10.51 -5.46 5.42
CA VAL B 342 9.75 -6.48 6.14
C VAL B 342 10.55 -7.78 6.24
N GLN B 343 10.36 -8.50 7.33
CA GLN B 343 11.03 -9.78 7.59
C GLN B 343 9.96 -10.87 7.63
N VAL B 344 9.81 -11.58 6.51
CA VAL B 344 8.78 -12.62 6.32
C VAL B 344 9.46 -13.98 6.33
N CYS B 345 9.07 -14.86 7.25
CA CYS B 345 9.71 -16.19 7.30
C CYS B 345 9.15 -17.17 6.29
N ARG B 346 7.87 -17.04 5.91
CA ARG B 346 7.26 -18.02 5.03
C ARG B 346 7.55 -17.58 3.61
N PRO B 347 8.34 -18.33 2.83
CA PRO B 347 8.66 -17.88 1.48
C PRO B 347 7.44 -17.63 0.61
N ASP B 348 6.36 -18.39 0.82
CA ASP B 348 5.15 -18.19 0.03
C ASP B 348 4.44 -16.89 0.33
N SER B 349 4.71 -16.26 1.46
CA SER B 349 4.06 -15.00 1.82
C SER B 349 4.80 -13.77 1.32
N VAL B 350 6.06 -13.93 0.86
CA VAL B 350 6.88 -12.78 0.49
C VAL B 350 6.19 -11.93 -0.58
N SER B 351 5.68 -12.57 -1.62
CA SER B 351 5.11 -11.77 -2.71
C SER B 351 3.94 -10.92 -2.22
N VAL B 352 3.30 -11.31 -1.11
CA VAL B 352 2.18 -10.53 -0.61
C VAL B 352 2.66 -9.21 -0.02
N TYR B 353 3.82 -9.23 0.63
CA TYR B 353 4.24 -8.12 1.46
C TYR B 353 5.42 -7.33 0.90
N TRP B 354 6.10 -7.83 -0.13
CA TRP B 354 7.32 -7.22 -0.64
C TRP B 354 7.32 -7.36 -2.16
N LYS B 355 7.33 -6.23 -2.89
CA LYS B 355 7.16 -6.29 -4.34
C LYS B 355 8.33 -5.59 -5.02
N ASP B 356 9.18 -6.36 -5.70
CA ASP B 356 10.40 -5.74 -6.23
C ASP B 356 10.12 -4.73 -7.34
N TYR B 357 9.00 -4.85 -8.05
CA TYR B 357 8.71 -3.86 -9.08
C TYR B 357 8.28 -2.52 -8.51
N GLU B 358 7.87 -2.48 -7.24
CA GLU B 358 7.58 -1.21 -6.59
C GLU B 358 8.83 -0.55 -6.03
N ILE B 359 9.89 -1.32 -5.83
CA ILE B 359 11.11 -0.81 -5.22
C ILE B 359 12.15 -0.48 -6.27
N SER B 360 12.42 -1.41 -7.20
CA SER B 360 13.56 -1.30 -8.12
C SER B 360 13.17 -1.70 -9.54
N PRO B 361 12.27 -0.97 -10.17
CA PRO B 361 12.13 -1.07 -11.63
C PRO B 361 13.38 -0.49 -12.29
N MET B 362 13.47 -0.62 -13.63
CA MET B 362 14.48 0.14 -14.37
C MET B 362 14.36 1.61 -13.98
N ALA B 363 15.51 2.29 -13.85
CA ALA B 363 15.59 3.71 -13.47
C ALA B 363 15.03 4.02 -12.07
N ALA B 364 14.86 3.00 -11.24
CA ALA B 364 14.46 3.21 -9.84
C ALA B 364 15.29 4.33 -9.21
N ASN B 365 14.64 5.19 -8.43
CA ASN B 365 15.41 6.28 -7.84
C ASN B 365 14.82 6.70 -6.49
N VAL B 366 15.71 7.19 -5.64
CA VAL B 366 15.41 7.74 -4.32
C VAL B 366 15.84 9.19 -4.34
N GLN B 367 14.96 10.10 -3.92
CA GLN B 367 15.26 11.50 -3.81
C GLN B 367 14.90 11.98 -2.42
N TRP B 368 15.83 12.65 -1.76
CA TRP B 368 15.54 13.35 -0.50
C TRP B 368 15.46 14.84 -0.82
N LEU B 369 14.33 15.47 -0.50
CA LEU B 369 14.13 16.90 -0.76
C LEU B 369 14.11 17.65 0.56
N PHE B 370 15.01 18.62 0.69
CA PHE B 370 15.22 19.34 1.94
C PHE B 370 14.62 20.72 1.83
N TYR B 371 13.93 21.14 2.88
CA TYR B 371 13.20 22.40 2.94
C TYR B 371 13.53 23.08 4.27
N ARG B 372 13.56 24.40 4.25
CA ARG B 372 13.78 25.21 5.44
CA ARG B 372 13.77 25.20 5.45
C ARG B 372 12.57 26.11 5.63
N ASP B 373 11.86 25.95 6.75
CA ASP B 373 10.64 26.72 6.95
C ASP B 373 10.98 28.09 7.55
N ARG B 374 9.93 28.88 7.81
CA ARG B 374 10.12 30.25 8.30
C ARG B 374 10.86 30.28 9.63
N ASP B 375 10.76 29.22 10.44
CA ASP B 375 11.45 29.14 11.72
C ASP B 375 12.85 28.53 11.63
N GLN B 376 13.41 28.42 10.42
CA GLN B 376 14.70 27.79 10.14
C GLN B 376 14.72 26.30 10.44
N ARG B 377 13.57 25.66 10.63
CA ARG B 377 13.51 24.22 10.85
C ARG B 377 13.70 23.50 9.51
N ILE B 378 14.46 22.41 9.52
CA ILE B 378 14.70 21.63 8.31
C ILE B 378 13.69 20.50 8.21
N TRP B 379 12.98 20.45 7.09
CA TRP B 379 12.12 19.32 6.76
CA TRP B 379 12.08 19.35 6.71
C TRP B 379 12.72 18.53 5.60
N VAL B 380 12.38 17.25 5.55
CA VAL B 380 12.83 16.41 4.45
C VAL B 380 11.64 15.60 3.94
N LYS B 381 11.53 15.49 2.62
CA LYS B 381 10.55 14.65 1.96
C LYS B 381 11.32 13.55 1.24
N ILE B 382 10.92 12.30 1.42
CA ILE B 382 11.58 11.15 0.79
CA ILE B 382 11.59 11.17 0.77
C ILE B 382 10.71 10.66 -0.37
N LEU B 383 11.26 10.66 -1.58
CA LEU B 383 10.54 10.13 -2.74
C LEU B 383 11.17 8.82 -3.19
N LEU B 384 10.34 7.79 -3.35
CA LEU B 384 10.77 6.55 -3.97
C LEU B 384 10.06 6.44 -5.32
N ASN B 385 10.84 6.46 -6.40
CA ASN B 385 10.29 6.47 -7.76
C ASN B 385 9.27 7.59 -7.90
N GLU B 386 9.62 8.75 -7.33
CA GLU B 386 8.89 10.00 -7.41
C GLU B 386 7.54 9.96 -6.68
N GLU B 387 7.34 9.00 -5.79
CA GLU B 387 6.15 9.00 -4.94
C GLU B 387 6.59 9.09 -3.48
N ALA B 388 5.79 9.77 -2.67
CA ALA B 388 6.16 10.01 -1.29
C ALA B 388 6.30 8.70 -0.53
N ALA B 389 7.41 8.53 0.16
CA ALA B 389 7.65 7.33 0.95
C ALA B 389 7.44 7.62 2.43
N ALA B 390 7.07 6.59 3.17
CA ALA B 390 6.81 6.71 4.61
C ALA B 390 7.93 6.05 5.41
N LEU B 391 8.30 6.68 6.51
CA LEU B 391 9.20 6.11 7.49
C LEU B 391 8.44 5.75 8.76
N PRO B 392 8.93 4.79 9.55
CA PRO B 392 8.20 4.42 10.77
C PRO B 392 8.46 5.37 11.94
N ILE B 393 8.50 6.66 11.65
CA ILE B 393 8.58 7.71 12.66
C ILE B 393 7.40 8.65 12.44
N SER B 394 7.07 9.41 13.48
CA SER B 394 5.90 10.27 13.39
CA SER B 394 5.92 10.29 13.42
C SER B 394 6.25 11.60 12.73
N THR B 395 5.21 12.23 12.17
CA THR B 395 5.28 13.56 11.62
C THR B 395 3.87 14.13 11.58
N ALA B 396 3.74 15.40 11.94
CA ALA B 396 2.45 16.08 11.83
C ALA B 396 2.24 16.72 10.47
N CYS B 397 3.16 16.56 9.51
CA CYS B 397 2.98 17.14 8.18
C CYS B 397 3.45 16.18 7.09
N PHE B 398 2.94 14.95 7.10
CA PHE B 398 3.29 14.01 6.05
C PHE B 398 2.96 14.62 4.69
N PRO B 399 3.80 14.42 3.67
CA PRO B 399 5.00 13.58 3.58
C PRO B 399 6.31 14.18 4.06
N TYR B 400 6.26 15.29 4.79
CA TYR B 400 7.47 15.94 5.25
C TYR B 400 7.79 15.46 6.65
N TYR B 401 9.05 15.12 6.87
CA TYR B 401 9.54 14.68 8.17
C TYR B 401 10.51 15.72 8.71
N SER B 402 10.60 15.79 10.04
CA SER B 402 11.68 16.54 10.68
C SER B 402 13.03 15.94 10.30
N TRP B 403 13.96 16.77 9.81
CA TRP B 403 15.27 16.23 9.46
C TRP B 403 16.02 15.73 10.69
N GLU B 404 15.93 16.46 11.80
CA GLU B 404 16.60 16.01 13.03
C GLU B 404 16.11 14.62 13.43
N LYS B 405 14.78 14.42 13.42
CA LYS B 405 14.23 13.12 13.76
C LYS B 405 14.65 12.05 12.76
N THR B 406 14.65 12.40 11.47
CA THR B 406 14.99 11.44 10.42
C THR B 406 16.45 11.06 10.51
N ARG B 407 17.33 12.05 10.67
CA ARG B 407 18.77 11.78 10.78
C ARG B 407 19.05 10.84 11.95
N ILE B 408 18.41 11.09 13.10
CA ILE B 408 18.65 10.26 14.27
C ILE B 408 18.22 8.83 13.99
N PHE B 409 17.05 8.67 13.35
CA PHE B 409 16.60 7.36 12.92
C PHE B 409 17.58 6.70 11.95
N PHE B 410 18.01 7.43 10.91
CA PHE B 410 18.97 6.85 9.97
C PHE B 410 20.28 6.48 10.66
N ASN B 411 20.74 7.29 11.62
CA ASN B 411 21.95 6.95 12.36
C ASN B 411 21.75 5.68 13.20
N GLN B 412 20.55 5.48 13.75
CA GLN B 412 20.27 4.22 14.43
C GLN B 412 20.29 3.06 13.45
N ARG B 413 19.80 3.26 12.23
CA ARG B 413 19.84 2.19 11.23
C ARG B 413 21.28 1.83 10.90
N ILE B 414 22.15 2.83 10.74
CA ILE B 414 23.56 2.58 10.48
C ILE B 414 24.21 1.81 11.63
N GLU B 415 23.92 2.19 12.88
CA GLU B 415 24.53 1.47 14.01
C GLU B 415 24.06 0.02 14.05
N MET B 416 22.79 -0.24 13.73
CA MET B 416 22.32 -1.61 13.60
C MET B 416 23.09 -2.37 12.52
N ALA B 417 23.29 -1.74 11.37
CA ALA B 417 24.02 -2.35 10.26
C ALA B 417 25.45 -2.70 10.67
N LYS B 418 26.15 -1.76 11.30
CA LYS B 418 27.50 -2.05 11.77
C LYS B 418 27.50 -3.22 12.77
N LYS B 419 26.47 -3.31 13.61
CA LYS B 419 26.40 -4.43 14.55
C LYS B 419 26.21 -5.75 13.82
N THR B 420 25.29 -5.78 12.85
CA THR B 420 25.12 -6.95 12.00
C THR B 420 26.43 -7.37 11.35
N LEU B 421 27.19 -6.41 10.82
CA LEU B 421 28.42 -6.77 10.12
C LEU B 421 29.49 -7.31 11.06
N SER B 422 29.53 -6.86 12.32
CA SER B 422 30.53 -7.38 13.25
CA SER B 422 30.53 -7.38 13.25
C SER B 422 30.32 -8.85 13.54
N VAL B 423 29.07 -9.33 13.43
CA VAL B 423 28.80 -10.76 13.57
C VAL B 423 29.37 -11.53 12.39
N PHE B 424 29.42 -10.91 11.21
CA PHE B 424 30.04 -11.51 10.02
C PHE B 424 31.40 -10.87 9.72
#